data_5K0U
#
_entry.id   5K0U
#
_cell.length_a   1
_cell.length_b   1
_cell.length_c   1
_cell.angle_alpha   90
_cell.angle_beta   90
_cell.angle_gamma   90
#
_symmetry.space_group_name_H-M   'P 1'
#
loop_
_entity.id
_entity.type
_entity.pdbx_description
1 polymer 'Capsid protein VP1'
2 polymer 'Capsid protein VP3'
3 polymer 'Capsid protein VP2'
4 polymer 'Capsid protein VP4'
5 water water
#
loop_
_entity_poly.entity_id
_entity_poly.type
_entity_poly.pdbx_seq_one_letter_code
_entity_poly.pdbx_strand_id
1 'polypeptide(L)'
;NNDDPVENFVESTLKEVLVVPDTKPSGPQHTTKPSILGAMEIGASSNATPESTIETRYVYNTNTNAEADVEMFLGRSALW
GKVTLTRQYAKWEINFQEQAHIRKKFEFFTYLRFDMEVTIVTNNKGLMQIMFVPPGIDHPETHDDRKWDSASNPSVFFQP
KSGFPRFTIPFTGLASAYYMFYDGYDKPKGSDNNEYGIAPTNDMGLLCFRTLDNSGGNDVKIYVKPKHITAWVPRPPRAT
QYTHKYSTNYHYKPNSSGPDEHVLKDRHFIKTRPLISSA
;
A
2 'polypeptide(L)'
;GLPTRLPSGSQQFMTTEDEQSPNILPGFHPSKKIHIPGMITNVMHMARVDSFIPINNIQGEVGKVSMYYITVTKKTVTER
ILVLPLEMSNTLFATTLLGEVLNYYANWSGSITITFMCVCDAFSTGKFLVAYTPPGGKLPEDRKQAMLGVHIIWDLGLQS
SCTIVVPWISSGFYRRTKADSFTHGGYVSLWYQTAFVPPVSGGTGSILATCSACPDMSVRMLRDSPMMEQKNELQ
;
B
3 'polypeptide(L)'
;SPSVEACGYSDRLKQITIGNSTITTQDSLHTVLAYGEWPTYLSDIDATSVDKPTHPETSADRFYTLDSVEWQVGSHGWWW
KLPDALKDMGVFGQNMYYHSMGRSGFIIHTQCNATKFHSGALIVAVIPEHQLAYVGGVKVNVGYDHTHPGQSGHQIRGPS
QSNDRSGGKPDEDPLFNCNGTLLGNITIFPHQIINLRTNNSSTIVVPYINCVPMDNMLKHNNLSLVIIPLVPLRPGSSGI
NSVPITVTIAPYKSEFSGAMEAQRQ
;
C
4 'polypeptide(L)' GAQVSRQNNGTHENGVTASNGSVIKYFNINYYKDSASSGLSRQDFSQDPSKFTQPLVDTLTNPALM D
#
# COMPACT_ATOMS: atom_id res chain seq x y z
N VAL A 17 -6.44 13.88 -21.78
CA VAL A 17 -6.07 14.08 -20.38
C VAL A 17 -7.33 14.44 -19.59
N LEU A 18 -7.34 14.12 -18.30
CA LEU A 18 -8.49 14.36 -17.45
C LEU A 18 -8.19 15.50 -16.49
N VAL A 19 -8.93 16.59 -16.63
CA VAL A 19 -8.83 17.71 -15.69
C VAL A 19 -9.64 17.40 -14.45
N VAL A 20 -9.25 17.99 -13.33
CA VAL A 20 -9.98 17.84 -12.08
C VAL A 20 -11.30 18.59 -12.21
N PRO A 21 -12.35 18.22 -11.48
CA PRO A 21 -13.63 18.88 -11.66
C PRO A 21 -13.61 20.34 -11.23
N ASP A 22 -14.55 21.09 -11.79
CA ASP A 22 -14.70 22.49 -11.41
C ASP A 22 -15.37 22.59 -10.04
N THR A 23 -15.09 23.68 -9.35
CA THR A 23 -15.79 23.98 -8.11
C THR A 23 -17.11 24.65 -8.46
N LYS A 24 -18.19 24.09 -7.98
CA LYS A 24 -19.50 24.64 -8.27
C LYS A 24 -19.91 25.64 -7.19
N PRO A 25 -20.81 26.56 -7.50
CA PRO A 25 -21.29 27.47 -6.46
C PRO A 25 -22.18 26.75 -5.46
N SER A 26 -22.19 27.27 -4.25
CA SER A 26 -23.05 26.77 -3.20
C SER A 26 -23.40 27.92 -2.28
N GLY A 27 -24.63 27.94 -1.80
CA GLY A 27 -25.10 29.00 -0.94
C GLY A 27 -25.27 28.51 0.48
N PRO A 28 -25.97 29.29 1.30
CA PRO A 28 -26.32 28.81 2.63
C PRO A 28 -27.31 27.66 2.52
N GLN A 29 -27.15 26.67 3.40
CA GLN A 29 -28.01 25.50 3.32
C GLN A 29 -28.45 25.06 4.71
N HIS A 30 -29.74 24.79 4.84
CA HIS A 30 -30.35 24.20 6.03
C HIS A 30 -30.85 22.82 5.62
N THR A 31 -30.19 21.78 6.09
CA THR A 31 -30.45 20.45 5.59
C THR A 31 -30.55 19.48 6.75
N THR A 32 -31.51 18.58 6.67
CA THR A 32 -31.70 17.56 7.69
C THR A 32 -30.98 16.26 7.37
N LYS A 33 -30.19 16.23 6.28
CA LYS A 33 -29.30 15.11 5.99
C LYS A 33 -27.87 15.63 5.90
N PRO A 34 -27.15 15.68 7.02
CA PRO A 34 -25.77 16.16 6.99
C PRO A 34 -24.88 15.30 6.10
N SER A 35 -24.15 15.96 5.21
CA SER A 35 -23.11 15.34 4.42
C SER A 35 -21.78 15.29 5.14
N ILE A 36 -21.64 16.06 6.20
CA ILE A 36 -20.38 16.15 6.94
C ILE A 36 -20.31 15.11 8.06
N LEU A 37 -21.43 14.53 8.45
CA LEU A 37 -21.47 13.36 9.31
C LEU A 37 -21.23 12.09 8.52
N GLY A 38 -20.78 11.06 9.23
CA GLY A 38 -20.58 9.77 8.60
C GLY A 38 -20.12 8.75 9.61
N ALA A 39 -19.55 7.66 9.11
CA ALA A 39 -18.95 6.64 9.96
C ALA A 39 -17.61 6.26 9.36
N MET A 40 -16.55 6.49 10.12
CA MET A 40 -15.23 6.02 9.73
C MET A 40 -15.17 4.50 9.69
N GLU A 41 -16.11 3.83 10.36
CA GLU A 41 -16.04 2.39 10.53
C GLU A 41 -16.42 1.64 9.25
N ILE A 42 -17.27 2.22 8.42
CA ILE A 42 -17.80 1.50 7.27
C ILE A 42 -16.69 1.07 6.31
N GLY A 43 -15.53 1.70 6.36
CA GLY A 43 -14.44 1.36 5.48
C GLY A 43 -14.37 2.20 4.24
N ALA A 44 -15.12 3.30 4.18
CA ALA A 44 -15.20 4.16 3.02
C ALA A 44 -14.62 5.52 3.35
N SER A 45 -14.02 6.15 2.35
CA SER A 45 -13.52 7.51 2.46
C SER A 45 -14.66 8.51 2.41
N SER A 46 -14.36 9.74 2.80
CA SER A 46 -15.37 10.80 2.77
C SER A 46 -15.67 11.24 1.33
N ASN A 47 -16.94 11.51 1.06
CA ASN A 47 -17.38 12.14 -0.18
C ASN A 47 -17.40 13.65 -0.09
N ALA A 48 -16.99 14.22 1.03
CA ALA A 48 -17.20 15.64 1.25
C ALA A 48 -16.28 16.45 0.35
N THR A 49 -16.85 17.50 -0.21
CA THR A 49 -16.10 18.47 -0.99
C THR A 49 -16.35 19.83 -0.33
N PRO A 50 -15.70 20.91 -0.77
CA PRO A 50 -15.95 22.20 -0.10
C PRO A 50 -17.36 22.74 -0.32
N GLU A 51 -18.10 22.23 -1.29
CA GLU A 51 -19.48 22.68 -1.48
C GLU A 51 -20.40 22.19 -0.36
N SER A 52 -20.02 21.14 0.34
CA SER A 52 -20.81 20.66 1.47
C SER A 52 -20.56 21.46 2.73
N THR A 53 -19.36 21.99 2.90
CA THR A 53 -18.92 22.60 4.15
C THR A 53 -19.07 24.11 4.14
N ILE A 54 -18.40 24.79 3.22
CA ILE A 54 -18.45 26.24 3.18
C ILE A 54 -19.39 26.69 2.07
N GLU A 55 -19.50 28.00 1.91
CA GLU A 55 -20.26 28.61 0.83
C GLU A 55 -19.26 29.01 -0.26
N THR A 56 -19.48 28.50 -1.46
CA THR A 56 -18.44 28.46 -2.48
C THR A 56 -18.86 29.25 -3.72
N ARG A 57 -17.86 29.51 -4.55
CA ARG A 57 -18.02 30.17 -5.83
C ARG A 57 -17.67 29.20 -6.93
N TYR A 58 -18.15 29.48 -8.14
CA TYR A 58 -17.73 28.69 -9.28
C TYR A 58 -16.27 28.99 -9.59
N VAL A 59 -15.44 27.96 -9.60
CA VAL A 59 -14.05 28.06 -10.03
C VAL A 59 -13.88 27.13 -11.22
N TYR A 60 -13.31 27.65 -12.29
CA TYR A 60 -13.04 26.88 -13.49
C TYR A 60 -11.63 26.32 -13.37
N ASN A 61 -11.52 25.00 -13.23
CA ASN A 61 -10.31 24.38 -12.73
C ASN A 61 -9.76 23.43 -13.79
N THR A 62 -8.62 23.80 -14.37
CA THR A 62 -8.02 23.09 -15.50
C THR A 62 -6.91 22.14 -15.08
N ASN A 63 -6.66 22.00 -13.79
CA ASN A 63 -5.54 21.19 -13.33
C ASN A 63 -5.73 19.73 -13.70
N THR A 64 -4.62 19.05 -13.95
CA THR A 64 -4.63 17.63 -14.29
C THR A 64 -3.76 16.86 -13.31
N ASN A 65 -4.09 15.58 -13.14
CA ASN A 65 -3.27 14.61 -12.44
C ASN A 65 -2.40 13.79 -13.36
N ALA A 66 -2.30 14.17 -14.64
CA ALA A 66 -1.59 13.37 -15.64
C ALA A 66 -0.21 12.93 -15.18
N GLU A 67 0.45 13.73 -14.35
CA GLU A 67 1.78 13.38 -13.90
C GLU A 67 1.75 12.40 -12.73
N ALA A 68 0.56 12.10 -12.21
CA ALA A 68 0.40 11.14 -11.14
C ALA A 68 -0.07 9.76 -11.60
N ASP A 69 -0.34 9.57 -12.88
CA ASP A 69 -0.77 8.25 -13.29
C ASP A 69 0.42 7.29 -13.26
N VAL A 70 0.11 6.01 -13.14
CA VAL A 70 1.13 5.01 -12.85
C VAL A 70 2.17 4.93 -13.96
N GLU A 71 1.81 5.33 -15.18
CA GLU A 71 2.77 5.36 -16.28
C GLU A 71 3.81 6.46 -16.06
N MET A 72 3.36 7.67 -15.73
CA MET A 72 4.30 8.75 -15.47
C MET A 72 5.01 8.58 -14.14
N PHE A 73 4.29 8.08 -13.13
CA PHE A 73 4.85 7.95 -11.78
C PHE A 73 6.00 6.95 -11.76
N LEU A 74 5.82 5.80 -12.38
CA LEU A 74 6.84 4.77 -12.42
C LEU A 74 7.68 4.78 -13.68
N GLY A 75 7.44 5.73 -14.58
CA GLY A 75 8.04 5.72 -15.90
C GLY A 75 9.25 6.58 -16.11
N ARG A 76 10.04 6.85 -15.07
CA ARG A 76 11.17 7.77 -15.19
C ARG A 76 12.55 7.13 -15.38
N SER A 77 12.69 5.81 -15.49
CA SER A 77 14.00 5.18 -15.68
C SER A 77 14.96 5.51 -14.53
N ALA A 78 14.71 4.87 -13.40
CA ALA A 78 15.57 4.91 -12.23
C ALA A 78 16.80 4.04 -12.42
N LEU A 79 17.80 4.27 -11.57
CA LEU A 79 18.96 3.38 -11.47
C LEU A 79 18.57 2.15 -10.67
N TRP A 80 18.60 0.98 -11.31
CA TRP A 80 18.41 -0.26 -10.55
C TRP A 80 19.70 -0.79 -9.95
N GLY A 81 20.80 -0.74 -10.66
CA GLY A 81 22.01 -1.39 -10.18
C GLY A 81 23.28 -0.71 -10.62
N LYS A 82 24.32 -0.96 -9.84
CA LYS A 82 25.69 -0.55 -10.14
C LYS A 82 26.57 -1.77 -10.07
N VAL A 83 27.48 -1.91 -11.03
CA VAL A 83 28.52 -2.93 -10.96
C VAL A 83 29.84 -2.29 -11.33
N THR A 84 30.91 -2.92 -10.85
CA THR A 84 32.27 -2.52 -11.18
C THR A 84 32.91 -3.64 -11.98
N LEU A 85 33.54 -3.29 -13.10
CA LEU A 85 34.37 -4.24 -13.81
C LEU A 85 35.60 -4.52 -12.98
N THR A 86 35.84 -5.79 -12.64
CA THR A 86 36.95 -6.14 -11.75
C THR A 86 38.18 -6.48 -12.56
N ARG A 87 38.17 -7.61 -13.26
CA ARG A 87 39.15 -7.79 -14.32
C ARG A 87 38.33 -7.71 -15.59
N GLN A 88 38.14 -6.47 -16.07
CA GLN A 88 37.33 -6.14 -17.23
C GLN A 88 36.10 -7.03 -17.36
N TYR A 89 35.46 -7.37 -16.23
CA TYR A 89 34.30 -8.23 -16.19
C TYR A 89 33.36 -7.77 -15.09
N ALA A 90 32.07 -7.81 -15.37
CA ALA A 90 31.07 -7.53 -14.35
C ALA A 90 29.86 -8.41 -14.61
N LYS A 91 29.02 -8.54 -13.58
CA LYS A 91 27.83 -9.36 -13.64
C LYS A 91 26.76 -8.69 -12.78
N TRP A 92 25.53 -8.70 -13.26
CA TRP A 92 24.43 -8.16 -12.48
C TRP A 92 23.16 -8.97 -12.70
N GLU A 93 22.52 -9.38 -11.61
CA GLU A 93 21.25 -10.08 -11.67
C GLU A 93 20.14 -9.04 -11.64
N ILE A 94 19.31 -9.02 -12.68
CA ILE A 94 18.35 -7.93 -12.86
C ILE A 94 17.32 -7.96 -11.74
N ASN A 95 17.14 -6.82 -11.07
CA ASN A 95 16.15 -6.66 -10.01
C ASN A 95 16.16 -5.23 -9.53
N PHE A 96 15.05 -4.83 -8.91
CA PHE A 96 14.87 -3.52 -8.29
C PHE A 96 15.07 -3.54 -6.78
N GLN A 97 15.47 -4.68 -6.22
CA GLN A 97 15.55 -4.84 -4.77
C GLN A 97 16.68 -4.05 -4.15
N GLU A 98 17.68 -3.65 -4.93
CA GLU A 98 18.91 -3.09 -4.40
C GLU A 98 18.81 -1.61 -4.07
N GLN A 99 17.97 -0.86 -4.78
CA GLN A 99 17.88 0.58 -4.65
C GLN A 99 16.60 0.95 -3.93
N ALA A 100 16.73 1.67 -2.81
CA ALA A 100 15.59 1.89 -1.94
C ALA A 100 14.54 2.80 -2.55
N HIS A 101 14.96 3.77 -3.35
CA HIS A 101 14.03 4.79 -3.84
C HIS A 101 13.13 4.25 -4.94
N ILE A 102 13.67 3.43 -5.83
CA ILE A 102 12.82 2.82 -6.82
C ILE A 102 12.08 1.63 -6.25
N ARG A 103 12.68 0.93 -5.28
CA ARG A 103 12.00 -0.19 -4.65
C ARG A 103 10.77 0.28 -3.88
N LYS A 104 10.83 1.45 -3.28
CA LYS A 104 9.67 1.97 -2.57
C LYS A 104 8.55 2.32 -3.53
N LYS A 105 8.87 2.83 -4.71
CA LYS A 105 7.82 3.24 -5.63
C LYS A 105 7.13 2.04 -6.26
N PHE A 106 7.86 0.96 -6.56
CA PHE A 106 7.20 -0.23 -7.07
C PHE A 106 6.32 -0.87 -6.01
N GLU A 107 6.65 -0.70 -4.75
CA GLU A 107 5.98 -1.39 -3.67
C GLU A 107 4.78 -0.62 -3.15
N PHE A 108 4.37 0.45 -3.82
CA PHE A 108 3.01 0.94 -3.61
C PHE A 108 1.98 -0.02 -4.15
N PHE A 109 2.39 -1.08 -4.84
CA PHE A 109 1.49 -1.97 -5.52
C PHE A 109 1.92 -3.40 -5.25
N THR A 110 0.96 -4.32 -5.24
CA THR A 110 1.27 -5.72 -5.01
C THR A 110 1.74 -6.42 -6.28
N TYR A 111 1.22 -6.01 -7.44
CA TYR A 111 1.44 -6.69 -8.71
C TYR A 111 1.75 -5.66 -9.78
N LEU A 112 2.79 -5.89 -10.56
CA LEU A 112 3.13 -4.99 -11.66
C LEU A 112 3.43 -5.78 -12.92
N ARG A 113 2.81 -5.40 -14.02
CA ARG A 113 3.11 -5.94 -15.34
C ARG A 113 3.73 -4.80 -16.14
N PHE A 114 5.02 -4.92 -16.44
CA PHE A 114 5.65 -3.87 -17.23
C PHE A 114 6.72 -4.46 -18.13
N ASP A 115 6.87 -3.83 -19.29
CA ASP A 115 8.09 -3.92 -20.08
C ASP A 115 9.12 -2.97 -19.48
N MET A 116 10.39 -3.27 -19.70
CA MET A 116 11.44 -2.37 -19.21
C MET A 116 12.45 -2.09 -20.30
N GLU A 117 12.80 -0.82 -20.47
CA GLU A 117 13.92 -0.46 -21.33
C GLU A 117 15.14 -0.22 -20.46
N VAL A 118 16.25 -0.83 -20.83
CA VAL A 118 17.45 -0.86 -20.02
C VAL A 118 18.50 -0.01 -20.71
N THR A 119 18.91 1.07 -20.06
CA THR A 119 19.98 1.92 -20.52
C THR A 119 21.21 1.63 -19.67
N ILE A 120 22.36 1.51 -20.31
CA ILE A 120 23.61 1.23 -19.63
C ILE A 120 24.47 2.48 -19.71
N VAL A 121 24.73 3.08 -18.55
CA VAL A 121 25.61 4.24 -18.44
C VAL A 121 26.94 3.76 -17.87
N THR A 122 28.00 3.85 -18.66
CA THR A 122 29.31 3.38 -18.26
C THR A 122 30.32 4.51 -18.46
N ASN A 123 31.28 4.61 -17.56
CA ASN A 123 32.40 5.54 -17.74
C ASN A 123 33.60 4.89 -18.39
N ASN A 124 33.48 3.63 -18.81
CA ASN A 124 34.56 2.97 -19.52
C ASN A 124 34.65 3.53 -20.94
N LYS A 125 35.67 3.09 -21.65
CA LYS A 125 35.88 3.51 -23.03
C LYS A 125 36.25 2.28 -23.84
N GLY A 126 36.59 2.48 -25.10
CA GLY A 126 36.86 1.33 -25.93
C GLY A 126 35.59 0.59 -26.30
N LEU A 127 35.56 -0.72 -26.02
CA LEU A 127 34.50 -1.57 -26.53
C LEU A 127 34.00 -2.45 -25.42
N MET A 128 32.68 -2.51 -25.26
CA MET A 128 32.07 -3.36 -24.25
C MET A 128 31.06 -4.30 -24.88
N GLN A 129 30.93 -5.46 -24.27
CA GLN A 129 29.88 -6.42 -24.59
C GLN A 129 28.99 -6.58 -23.39
N ILE A 130 27.68 -6.50 -23.60
CA ILE A 130 26.68 -6.92 -22.63
C ILE A 130 26.08 -8.20 -23.16
N MET A 131 26.03 -9.24 -22.33
CA MET A 131 25.26 -10.42 -22.66
C MET A 131 24.05 -10.48 -21.75
N PHE A 132 22.86 -10.56 -22.35
CA PHE A 132 21.67 -10.93 -21.59
C PHE A 132 21.60 -12.44 -21.53
N VAL A 133 21.69 -13.00 -20.33
CA VAL A 133 21.71 -14.44 -20.14
C VAL A 133 20.32 -14.85 -19.63
N PRO A 134 19.50 -15.51 -20.46
CA PRO A 134 18.19 -15.91 -19.99
C PRO A 134 18.30 -16.88 -18.84
N PRO A 135 17.27 -16.96 -18.00
CA PRO A 135 17.32 -17.89 -16.87
C PRO A 135 17.55 -19.32 -17.31
N GLY A 136 18.11 -20.11 -16.40
CA GLY A 136 18.21 -21.54 -16.59
C GLY A 136 19.51 -22.06 -17.14
N ILE A 137 20.43 -21.18 -17.54
CA ILE A 137 21.70 -21.59 -18.09
C ILE A 137 22.82 -20.88 -17.35
N ASP A 138 24.04 -21.21 -17.73
CA ASP A 138 25.24 -20.68 -17.10
C ASP A 138 25.74 -19.47 -17.87
N HIS A 139 26.16 -18.46 -17.15
CA HIS A 139 26.69 -17.22 -17.67
C HIS A 139 28.21 -17.29 -17.80
N PRO A 140 28.80 -16.41 -18.61
CA PRO A 140 30.25 -16.24 -18.55
C PRO A 140 30.69 -15.70 -17.20
N GLU A 141 31.66 -16.38 -16.61
CA GLU A 141 32.15 -16.00 -15.28
C GLU A 141 33.38 -15.10 -15.31
N THR A 142 34.01 -14.94 -16.46
CA THR A 142 35.17 -14.06 -16.63
C THR A 142 35.13 -13.51 -18.03
N HIS A 143 35.93 -12.48 -18.28
CA HIS A 143 36.24 -12.18 -19.66
C HIS A 143 37.10 -13.31 -20.20
N ASP A 144 37.13 -13.46 -21.52
CA ASP A 144 37.81 -14.55 -22.20
C ASP A 144 37.14 -15.89 -21.93
N ASP A 145 36.11 -15.95 -21.11
CA ASP A 145 35.34 -17.18 -20.97
C ASP A 145 34.71 -17.53 -22.31
N ARG A 146 34.78 -18.81 -22.65
CA ARG A 146 34.26 -19.28 -23.93
C ARG A 146 32.76 -19.02 -24.04
N LYS A 147 32.04 -18.89 -22.93
CA LYS A 147 30.60 -18.67 -22.98
C LYS A 147 30.23 -17.31 -23.51
N TRP A 148 31.18 -16.37 -23.60
CA TRP A 148 30.92 -15.14 -24.31
C TRP A 148 30.69 -15.37 -25.79
N ASP A 149 31.05 -16.54 -26.29
CA ASP A 149 30.74 -16.93 -27.66
C ASP A 149 29.42 -17.69 -27.60
N SER A 150 28.36 -17.09 -28.09
CA SER A 150 27.03 -17.64 -27.94
C SER A 150 26.31 -17.53 -29.26
N ALA A 151 25.63 -18.59 -29.65
CA ALA A 151 24.71 -18.48 -30.77
C ALA A 151 23.46 -17.71 -30.37
N SER A 152 22.73 -18.21 -29.37
CA SER A 152 21.40 -17.71 -29.07
C SER A 152 21.27 -16.80 -27.84
N ASN A 153 22.33 -16.55 -27.07
CA ASN A 153 22.21 -15.58 -25.98
C ASN A 153 22.31 -14.17 -26.53
N PRO A 154 21.28 -13.34 -26.39
CA PRO A 154 21.32 -12.00 -26.98
C PRO A 154 22.36 -11.12 -26.29
N SER A 155 23.20 -10.49 -27.09
CA SER A 155 24.25 -9.64 -26.57
C SER A 155 24.17 -8.29 -27.26
N VAL A 156 24.87 -7.33 -26.69
CA VAL A 156 24.97 -5.98 -27.22
C VAL A 156 26.43 -5.58 -27.22
N PHE A 157 26.93 -5.17 -28.36
CA PHE A 157 28.25 -4.58 -28.48
C PHE A 157 28.09 -3.09 -28.67
N PHE A 158 28.84 -2.31 -27.91
CA PHE A 158 28.75 -0.87 -28.04
C PHE A 158 30.09 -0.26 -27.67
N GLN A 159 30.32 0.93 -28.20
CA GLN A 159 31.46 1.72 -27.79
C GLN A 159 30.95 2.85 -26.91
N PRO A 160 31.37 2.90 -25.64
CA PRO A 160 30.72 3.83 -24.71
C PRO A 160 30.78 5.28 -25.15
N LYS A 161 31.87 5.70 -25.75
CA LYS A 161 31.91 7.01 -26.38
C LYS A 161 31.03 7.00 -27.62
N SER A 162 30.28 8.09 -27.80
CA SER A 162 29.25 8.20 -28.84
C SER A 162 28.14 7.16 -28.62
N GLY A 163 27.36 7.43 -27.60
CA GLY A 163 26.06 6.82 -27.37
C GLY A 163 26.04 5.91 -26.16
N PHE A 164 24.85 5.76 -25.58
CA PHE A 164 24.52 4.87 -24.49
C PHE A 164 23.70 3.72 -25.02
N PRO A 165 24.05 2.47 -24.74
CA PRO A 165 23.21 1.36 -25.22
C PRO A 165 21.87 1.32 -24.50
N ARG A 166 20.83 0.99 -25.24
CA ARG A 166 19.51 0.82 -24.65
C ARG A 166 18.76 -0.29 -25.38
N PHE A 167 18.12 -1.16 -24.61
CA PHE A 167 17.27 -2.20 -25.17
C PHE A 167 16.04 -2.37 -24.29
N THR A 168 14.98 -2.88 -24.89
CA THR A 168 13.74 -3.19 -24.18
C THR A 168 13.67 -4.68 -23.91
N ILE A 169 13.37 -5.04 -22.67
CA ILE A 169 12.98 -6.39 -22.30
C ILE A 169 11.46 -6.39 -22.15
N PRO A 170 10.74 -7.24 -22.87
CA PRO A 170 9.29 -7.29 -22.66
C PRO A 170 8.92 -7.89 -21.31
N PHE A 171 7.65 -8.15 -21.06
CA PHE A 171 7.25 -8.68 -19.77
C PHE A 171 7.44 -10.19 -19.73
N THR A 172 8.32 -10.66 -18.85
CA THR A 172 8.55 -12.09 -18.71
C THR A 172 8.04 -12.49 -17.33
N GLY A 173 6.81 -12.97 -17.28
CA GLY A 173 6.19 -13.25 -16.00
C GLY A 173 6.30 -14.63 -15.39
N LEU A 174 5.97 -15.63 -16.21
CA LEU A 174 5.41 -16.91 -15.80
C LEU A 174 4.01 -16.74 -15.25
N ALA A 175 3.64 -15.50 -14.92
CA ALA A 175 2.33 -15.13 -14.43
C ALA A 175 1.86 -13.90 -15.22
N SER A 176 0.71 -13.38 -14.87
CA SER A 176 0.21 -12.23 -15.60
C SER A 176 0.80 -10.92 -15.08
N ALA A 177 1.44 -10.93 -13.92
CA ALA A 177 2.11 -9.77 -13.39
C ALA A 177 3.34 -10.24 -12.62
N TYR A 178 4.21 -9.30 -12.30
CA TYR A 178 5.26 -9.56 -11.31
C TYR A 178 4.68 -9.43 -9.91
N TYR A 179 5.11 -10.32 -9.03
CA TYR A 179 4.85 -10.15 -7.61
C TYR A 179 5.83 -9.12 -7.05
N MET A 180 5.31 -8.05 -6.45
CA MET A 180 6.15 -7.23 -5.60
C MET A 180 6.27 -7.83 -4.21
N PHE A 181 5.20 -8.48 -3.75
CA PHE A 181 5.15 -9.16 -2.46
C PHE A 181 4.58 -10.54 -2.68
N TYR A 182 5.15 -11.53 -2.01
CA TYR A 182 4.66 -12.90 -2.14
C TYR A 182 4.66 -13.54 -0.76
N ASP A 183 3.48 -13.95 -0.32
CA ASP A 183 3.26 -14.50 1.01
C ASP A 183 3.43 -16.02 1.03
N GLY A 184 3.90 -16.63 -0.06
CA GLY A 184 4.09 -18.05 -0.13
C GLY A 184 5.53 -18.49 -0.10
N TYR A 185 5.72 -19.78 -0.38
CA TYR A 185 7.00 -20.46 -0.42
C TYR A 185 7.11 -21.23 -1.72
N ASP A 186 8.33 -21.57 -2.10
CA ASP A 186 8.52 -22.35 -3.32
C ASP A 186 8.54 -23.85 -3.08
N LYS A 187 8.62 -24.30 -1.83
CA LYS A 187 8.70 -25.71 -1.51
C LYS A 187 7.63 -26.05 -0.49
N PRO A 188 7.30 -27.32 -0.33
CA PRO A 188 6.27 -27.71 0.64
C PRO A 188 6.66 -27.54 2.10
N LYS A 189 5.78 -28.02 2.98
CA LYS A 189 5.86 -27.74 4.42
C LYS A 189 7.20 -28.16 5.01
N GLY A 190 7.54 -29.43 4.90
CA GLY A 190 8.67 -29.92 5.65
C GLY A 190 10.03 -29.62 5.10
N SER A 191 10.12 -28.93 3.97
CA SER A 191 11.41 -28.69 3.35
C SER A 191 12.18 -27.61 4.09
N ASP A 192 13.44 -27.87 4.38
CA ASP A 192 14.23 -27.01 5.25
C ASP A 192 14.85 -25.82 4.52
N ASN A 193 14.91 -25.87 3.20
CA ASN A 193 15.50 -24.82 2.38
C ASN A 193 14.47 -23.83 1.88
N ASN A 194 13.24 -23.85 2.41
CA ASN A 194 12.17 -22.96 1.96
C ASN A 194 12.65 -21.52 1.83
N GLU A 195 12.19 -20.88 0.77
CA GLU A 195 12.49 -19.48 0.49
C GLU A 195 11.18 -18.71 0.45
N TYR A 196 11.16 -17.57 1.13
CA TYR A 196 9.93 -16.82 1.35
C TYR A 196 10.00 -15.52 0.57
N GLY A 197 8.91 -15.17 -0.08
CA GLY A 197 8.84 -13.94 -0.83
C GLY A 197 8.99 -14.13 -2.33
N ILE A 198 9.25 -13.01 -3.01
CA ILE A 198 9.14 -12.97 -4.46
C ILE A 198 10.36 -13.50 -5.21
N ALA A 199 11.44 -13.81 -4.51
CA ALA A 199 12.66 -14.24 -5.21
C ALA A 199 12.44 -15.51 -6.03
N PRO A 200 11.80 -16.57 -5.53
CA PRO A 200 11.51 -17.70 -6.40
C PRO A 200 10.47 -17.42 -7.46
N THR A 201 9.68 -16.36 -7.32
CA THR A 201 8.48 -16.23 -8.15
C THR A 201 8.82 -15.86 -9.58
N ASN A 202 9.88 -15.09 -9.80
CA ASN A 202 10.36 -14.87 -11.14
C ASN A 202 11.82 -14.46 -11.08
N ASP A 203 12.51 -14.66 -12.19
CA ASP A 203 13.88 -14.19 -12.38
C ASP A 203 13.97 -13.56 -13.76
N MET A 204 14.41 -12.30 -13.79
CA MET A 204 14.36 -11.50 -14.99
C MET A 204 15.60 -11.65 -15.86
N GLY A 205 16.50 -12.56 -15.51
CA GLY A 205 17.75 -12.73 -16.21
C GLY A 205 18.87 -11.98 -15.51
N LEU A 206 20.07 -12.13 -16.07
CA LEU A 206 21.21 -11.36 -15.60
C LEU A 206 21.95 -10.75 -16.78
N LEU A 207 22.63 -9.65 -16.50
CA LEU A 207 23.43 -8.94 -17.49
C LEU A 207 24.89 -9.19 -17.16
N CYS A 208 25.64 -9.74 -18.10
CA CYS A 208 27.08 -9.89 -17.99
C CYS A 208 27.75 -8.79 -18.78
N PHE A 209 28.82 -8.24 -18.22
CA PHE A 209 29.57 -7.17 -18.84
C PHE A 209 31.01 -7.61 -18.98
N ARG A 210 31.63 -7.22 -20.09
CA ARG A 210 33.08 -7.33 -20.22
C ARG A 210 33.55 -6.21 -21.11
N THR A 211 34.82 -5.87 -20.96
CA THR A 211 35.47 -4.90 -21.82
C THR A 211 36.41 -5.64 -22.75
N LEU A 212 36.38 -5.27 -24.02
CA LEU A 212 37.30 -5.82 -24.99
C LEU A 212 38.54 -4.94 -25.16
N ASP A 213 38.62 -3.86 -24.40
CA ASP A 213 39.76 -2.96 -24.31
C ASP A 213 40.15 -2.78 -22.85
N ASN A 214 41.02 -1.83 -22.55
CA ASN A 214 41.18 -1.42 -21.16
C ASN A 214 40.59 -0.03 -20.97
N SER A 215 41.30 1.00 -21.43
CA SER A 215 40.77 2.35 -21.52
C SER A 215 40.21 2.89 -20.20
N GLY A 216 38.93 3.24 -20.18
CA GLY A 216 38.38 4.11 -19.16
C GLY A 216 38.07 3.45 -17.83
N GLY A 217 37.13 4.04 -17.11
CA GLY A 217 36.80 3.60 -15.78
C GLY A 217 36.03 2.29 -15.76
N ASN A 218 35.84 1.78 -14.55
CA ASN A 218 35.30 0.45 -14.35
C ASN A 218 33.81 0.43 -13.98
N ASP A 219 33.17 1.58 -13.88
CA ASP A 219 31.84 1.67 -13.29
C ASP A 219 30.76 1.47 -14.35
N VAL A 220 29.77 0.65 -14.04
CA VAL A 220 28.67 0.36 -14.94
C VAL A 220 27.36 0.61 -14.19
N LYS A 221 26.59 1.57 -14.65
CA LYS A 221 25.30 1.92 -14.05
C LYS A 221 24.18 1.41 -14.95
N ILE A 222 23.24 0.69 -14.36
CA ILE A 222 22.12 0.10 -15.11
C ILE A 222 20.88 0.89 -14.74
N TYR A 223 20.35 1.64 -15.71
CA TYR A 223 19.12 2.39 -15.55
C TYR A 223 17.98 1.64 -16.23
N VAL A 224 16.86 1.51 -15.54
CA VAL A 224 15.74 0.75 -16.06
C VAL A 224 14.48 1.60 -16.01
N LYS A 225 13.75 1.61 -17.09
CA LYS A 225 12.50 2.34 -17.21
C LYS A 225 11.33 1.39 -17.37
N PRO A 226 10.42 1.30 -16.41
CA PRO A 226 9.20 0.53 -16.64
C PRO A 226 8.33 1.25 -17.65
N LYS A 227 7.81 0.50 -18.62
CA LYS A 227 6.88 1.08 -19.57
C LYS A 227 5.77 0.08 -19.84
N HIS A 228 4.61 0.61 -20.21
CA HIS A 228 3.42 -0.19 -20.44
C HIS A 228 2.96 -0.86 -19.15
N ILE A 229 2.98 -0.08 -18.07
CA ILE A 229 2.80 -0.63 -16.72
C ILE A 229 1.32 -0.87 -16.47
N THR A 230 1.03 -1.96 -15.78
CA THR A 230 -0.28 -2.15 -15.17
C THR A 230 -0.04 -2.51 -13.71
N ALA A 231 -0.57 -1.70 -12.81
CA ALA A 231 -0.42 -1.89 -11.38
C ALA A 231 -1.76 -2.34 -10.80
N TRP A 232 -1.71 -3.09 -9.71
CA TRP A 232 -2.90 -3.82 -9.28
C TRP A 232 -3.36 -3.44 -7.88
N VAL A 233 -2.68 -3.81 -6.82
CA VAL A 233 -3.27 -3.76 -5.48
C VAL A 233 -2.47 -2.79 -4.61
N PRO A 234 -2.91 -1.55 -4.51
CA PRO A 234 -2.18 -0.53 -3.73
C PRO A 234 -1.90 -1.00 -2.32
N ARG A 235 -0.73 -0.63 -1.82
CA ARG A 235 -0.25 -1.03 -0.52
C ARG A 235 0.19 0.21 0.23
N PRO A 236 0.33 0.13 1.55
CA PRO A 236 0.92 1.24 2.27
C PRO A 236 2.36 1.43 1.84
N PRO A 237 2.75 2.68 1.58
CA PRO A 237 4.14 2.94 1.20
C PRO A 237 5.10 2.53 2.30
N ARG A 238 6.31 2.20 1.90
CA ARG A 238 7.29 1.69 2.85
C ARG A 238 7.63 2.78 3.86
N ALA A 239 7.42 2.48 5.12
CA ALA A 239 7.56 3.44 6.20
C ALA A 239 8.91 3.36 6.88
N THR A 240 9.81 2.51 6.39
CA THR A 240 11.03 2.17 7.07
C THR A 240 12.12 1.90 6.04
N GLN A 241 13.36 2.26 6.38
CA GLN A 241 14.45 1.96 5.47
C GLN A 241 14.58 0.45 5.30
N TYR A 242 14.99 0.04 4.10
CA TYR A 242 15.19 -1.37 3.85
C TYR A 242 16.47 -1.85 4.51
N THR A 243 16.49 -3.14 4.81
CA THR A 243 17.65 -3.78 5.41
C THR A 243 18.28 -4.78 4.45
N HIS A 244 17.52 -5.78 4.04
CA HIS A 244 17.96 -6.76 3.07
C HIS A 244 17.05 -6.70 1.87
N LYS A 245 17.51 -7.26 0.77
CA LYS A 245 16.69 -7.31 -0.43
C LYS A 245 15.97 -8.65 -0.51
N TYR A 246 14.74 -8.61 -1.04
CA TYR A 246 13.81 -9.74 -1.05
C TYR A 246 13.40 -10.15 0.37
N SER A 247 13.12 -9.16 1.23
CA SER A 247 12.86 -9.49 2.63
C SER A 247 11.58 -8.89 3.18
N THR A 248 11.49 -7.57 3.21
CA THR A 248 10.58 -6.72 3.98
C THR A 248 11.09 -6.58 5.40
N ASN A 249 12.18 -7.23 5.78
CA ASN A 249 12.78 -7.02 7.10
C ASN A 249 13.14 -5.56 7.25
N TYR A 250 12.59 -4.91 8.26
CA TYR A 250 12.95 -3.54 8.56
C TYR A 250 13.81 -3.36 9.81
N HIS A 251 14.10 -4.42 10.55
CA HIS A 251 14.93 -4.28 11.75
C HIS A 251 16.39 -4.26 11.34
N TYR A 252 17.10 -3.21 11.73
CA TYR A 252 18.45 -2.98 11.27
C TYR A 252 19.44 -3.25 12.39
N LYS A 253 20.42 -4.11 12.12
CA LYS A 253 21.48 -4.40 13.07
C LYS A 253 22.66 -3.51 12.74
N PRO A 254 22.92 -2.44 13.50
CA PRO A 254 23.97 -1.52 13.11
C PRO A 254 25.38 -2.06 13.28
N ASN A 255 25.62 -2.91 14.27
CA ASN A 255 26.98 -3.33 14.55
C ASN A 255 27.03 -4.73 15.14
N SER A 256 28.03 -5.50 14.73
CA SER A 256 28.31 -6.84 15.22
C SER A 256 29.40 -6.87 16.29
N SER A 257 29.87 -5.71 16.73
CA SER A 257 31.18 -5.58 17.37
C SER A 257 31.21 -6.02 18.83
N GLY A 258 30.16 -5.75 19.61
CA GLY A 258 30.29 -5.73 21.06
C GLY A 258 28.97 -5.54 21.76
N PRO A 259 29.01 -5.03 23.01
CA PRO A 259 27.80 -5.04 23.85
C PRO A 259 26.54 -4.52 23.17
N ASP A 260 26.69 -3.65 22.17
CA ASP A 260 25.57 -3.27 21.32
C ASP A 260 25.14 -4.38 20.37
N GLU A 261 25.81 -5.53 20.39
CA GLU A 261 25.34 -6.70 19.66
C GLU A 261 23.88 -6.97 20.00
N HIS A 262 23.12 -7.39 19.00
CA HIS A 262 21.71 -7.73 19.12
C HIS A 262 20.85 -6.54 19.53
N VAL A 263 21.28 -5.33 19.22
CA VAL A 263 20.45 -4.14 19.36
C VAL A 263 20.01 -3.73 17.95
N LEU A 264 18.72 -3.50 17.78
CA LEU A 264 18.14 -3.26 16.46
C LEU A 264 17.51 -1.88 16.42
N LYS A 265 17.60 -1.24 15.27
CA LYS A 265 16.96 0.04 15.02
C LYS A 265 15.91 -0.12 13.93
N ASP A 266 14.75 0.49 14.14
CA ASP A 266 13.71 0.43 13.11
C ASP A 266 14.01 1.38 11.95
N ARG A 267 14.47 2.60 12.26
CA ARG A 267 14.80 3.61 11.25
C ARG A 267 13.57 3.98 10.42
N HIS A 268 12.63 4.64 11.08
CA HIS A 268 11.45 5.15 10.42
C HIS A 268 11.58 6.64 10.15
N PHE A 269 10.59 7.16 9.43
CA PHE A 269 10.56 8.55 9.03
C PHE A 269 9.61 9.41 9.85
N ILE A 270 8.99 8.85 10.90
CA ILE A 270 8.14 9.65 11.77
C ILE A 270 9.01 10.57 12.60
N LYS A 271 8.61 11.83 12.70
CA LYS A 271 9.27 12.82 13.53
C LYS A 271 8.32 13.28 14.61
N THR A 272 8.84 13.52 15.81
CA THR A 272 8.00 13.93 16.91
C THR A 272 7.77 15.44 16.87
N ARG A 273 6.93 15.91 17.78
CA ARG A 273 6.76 17.33 18.01
C ARG A 273 6.66 17.55 19.51
N PRO A 274 7.00 18.75 19.99
CA PRO A 274 7.02 18.97 21.44
C PRO A 274 5.66 18.81 22.09
N LEU A 275 4.61 19.31 21.46
CA LEU A 275 3.27 19.24 22.01
C LEU A 275 2.27 19.03 20.89
N ILE A 276 1.27 18.19 21.14
CA ILE A 276 0.06 18.35 20.36
C ILE A 276 -0.59 19.65 20.75
N SER A 277 -1.42 20.18 19.86
CA SER A 277 -2.16 21.41 20.12
C SER A 277 -1.29 22.66 20.14
N SER A 278 0.02 22.52 20.20
CA SER A 278 0.89 23.68 20.09
C SER A 278 1.53 23.84 18.73
N ALA A 279 1.32 22.90 17.82
CA ALA A 279 2.03 22.93 16.55
C ALA A 279 1.62 24.12 15.69
N GLY B 1 22.94 11.87 -49.36
CA GLY B 1 21.69 11.53 -48.71
C GLY B 1 20.86 12.74 -48.35
N LEU B 2 19.81 12.52 -47.59
CA LEU B 2 18.96 13.60 -47.14
C LEU B 2 19.70 14.46 -46.13
N PRO B 3 19.76 15.78 -46.31
CA PRO B 3 20.44 16.62 -45.32
C PRO B 3 19.69 16.62 -44.00
N THR B 4 20.42 16.41 -42.92
CA THR B 4 19.85 16.42 -41.58
C THR B 4 20.68 17.34 -40.69
N ARG B 5 20.24 17.50 -39.46
CA ARG B 5 21.03 18.23 -38.48
C ARG B 5 20.81 17.63 -37.11
N LEU B 6 21.79 17.81 -36.24
CA LEU B 6 21.82 17.24 -34.90
C LEU B 6 21.81 18.38 -33.88
N PRO B 7 20.65 18.91 -33.56
CA PRO B 7 20.57 19.98 -32.57
C PRO B 7 20.96 19.50 -31.17
N SER B 8 21.19 20.47 -30.30
CA SER B 8 21.62 20.16 -28.94
C SER B 8 20.57 19.33 -28.22
N GLY B 9 21.01 18.27 -27.56
CA GLY B 9 20.10 17.34 -26.95
C GLY B 9 19.75 16.15 -27.80
N SER B 10 20.43 15.97 -28.94
CA SER B 10 20.15 14.84 -29.81
C SER B 10 20.82 13.57 -29.34
N GLN B 11 22.11 13.64 -28.97
CA GLN B 11 22.86 12.49 -28.45
C GLN B 11 22.76 12.34 -26.94
N GLN B 12 21.95 13.17 -26.31
CA GLN B 12 21.69 13.15 -24.88
C GLN B 12 21.09 11.82 -24.43
N PHE B 13 21.33 11.46 -23.16
CA PHE B 13 20.46 10.51 -22.45
C PHE B 13 19.80 11.24 -21.29
N MET B 14 18.52 11.52 -21.46
CA MET B 14 17.70 12.16 -20.45
C MET B 14 16.92 11.07 -19.73
N THR B 15 16.99 11.07 -18.41
CA THR B 15 16.36 10.01 -17.63
C THR B 15 14.85 10.02 -17.78
N THR B 16 14.28 11.19 -18.00
CA THR B 16 12.83 11.35 -18.07
C THR B 16 12.29 11.39 -19.48
N GLU B 17 13.13 11.16 -20.50
CA GLU B 17 12.70 11.26 -21.89
C GLU B 17 11.82 10.08 -22.27
N ASP B 18 11.08 10.24 -23.37
CA ASP B 18 10.17 9.22 -23.87
C ASP B 18 10.60 8.82 -25.27
N GLU B 19 11.05 7.58 -25.43
CA GLU B 19 11.64 7.13 -26.68
C GLU B 19 11.36 5.65 -26.88
N GLN B 20 11.57 5.20 -28.10
CA GLN B 20 11.41 3.80 -28.47
C GLN B 20 12.78 3.16 -28.56
N SER B 21 12.89 1.93 -28.08
CA SER B 21 14.17 1.24 -28.02
C SER B 21 14.04 -0.13 -28.66
N PRO B 22 15.12 -0.69 -29.18
CA PRO B 22 15.02 -1.99 -29.84
C PRO B 22 14.69 -3.09 -28.84
N ASN B 23 13.82 -3.99 -29.27
CA ASN B 23 13.44 -5.12 -28.45
C ASN B 23 14.54 -6.16 -28.49
N ILE B 24 15.15 -6.42 -27.36
CA ILE B 24 15.92 -7.62 -27.20
C ILE B 24 14.91 -8.73 -26.94
N LEU B 25 15.26 -9.96 -27.27
CA LEU B 25 14.28 -11.05 -27.25
C LEU B 25 13.14 -10.78 -28.21
N PRO B 26 13.37 -10.69 -29.52
CA PRO B 26 12.26 -10.52 -30.45
C PRO B 26 11.48 -11.79 -30.66
N GLY B 27 10.18 -11.63 -30.85
CA GLY B 27 9.28 -12.76 -30.97
C GLY B 27 8.77 -13.28 -29.66
N PHE B 28 9.27 -12.75 -28.54
CA PHE B 28 8.86 -13.21 -27.22
C PHE B 28 7.38 -12.97 -27.00
N HIS B 29 6.70 -13.99 -26.48
CA HIS B 29 5.27 -13.91 -26.22
C HIS B 29 5.04 -13.75 -24.72
N PRO B 30 4.53 -12.61 -24.26
CA PRO B 30 4.26 -12.46 -22.83
C PRO B 30 3.12 -13.35 -22.38
N SER B 31 3.14 -13.71 -21.10
CA SER B 31 2.06 -14.50 -20.55
C SER B 31 0.78 -13.67 -20.59
N LYS B 32 -0.34 -14.37 -20.75
CA LYS B 32 -1.60 -13.68 -20.96
C LYS B 32 -1.98 -12.84 -19.75
N LYS B 33 -2.70 -11.77 -20.02
CA LYS B 33 -3.05 -10.80 -19.00
C LYS B 33 -4.47 -11.12 -18.55
N ILE B 34 -4.59 -11.64 -17.33
CA ILE B 34 -5.87 -12.05 -16.81
C ILE B 34 -6.46 -10.89 -16.01
N HIS B 35 -7.67 -11.07 -15.51
CA HIS B 35 -8.29 -10.06 -14.68
C HIS B 35 -7.75 -10.20 -13.25
N ILE B 36 -7.27 -9.11 -12.70
CA ILE B 36 -6.88 -9.12 -11.29
C ILE B 36 -7.72 -8.04 -10.62
N PRO B 37 -8.24 -8.27 -9.43
CA PRO B 37 -8.99 -7.22 -8.75
C PRO B 37 -8.08 -6.14 -8.21
N GLY B 38 -8.54 -4.90 -8.29
CA GLY B 38 -7.87 -3.80 -7.65
C GLY B 38 -7.14 -2.83 -8.54
N MET B 39 -7.18 -3.00 -9.85
CA MET B 39 -6.35 -2.22 -10.77
C MET B 39 -6.41 -0.73 -10.46
N ILE B 40 -5.24 -0.12 -10.34
CA ILE B 40 -5.11 1.30 -10.03
C ILE B 40 -4.30 1.95 -11.14
N THR B 41 -4.92 2.91 -11.82
CA THR B 41 -4.28 3.60 -12.92
C THR B 41 -3.70 4.96 -12.56
N ASN B 42 -3.92 5.44 -11.34
CA ASN B 42 -3.41 6.75 -10.96
C ASN B 42 -3.14 6.74 -9.47
N VAL B 43 -2.01 7.34 -9.07
CA VAL B 43 -1.58 7.25 -7.69
C VAL B 43 -2.31 8.25 -6.82
N MET B 44 -3.02 9.21 -7.41
CA MET B 44 -3.90 10.11 -6.68
C MET B 44 -5.16 9.43 -6.20
N HIS B 45 -5.41 8.19 -6.62
CA HIS B 45 -6.48 7.40 -6.07
C HIS B 45 -6.11 6.78 -4.73
N MET B 46 -4.81 6.72 -4.42
CA MET B 46 -4.36 6.35 -3.09
C MET B 46 -4.44 7.53 -2.13
N ALA B 47 -4.22 8.75 -2.62
CA ALA B 47 -4.31 9.92 -1.76
C ALA B 47 -5.75 10.26 -1.41
N ARG B 48 -6.71 9.76 -2.17
CA ARG B 48 -8.12 10.01 -1.92
C ARG B 48 -8.73 8.98 -0.98
N VAL B 49 -7.94 8.02 -0.51
CA VAL B 49 -8.38 7.08 0.51
C VAL B 49 -7.99 7.63 1.88
N ASP B 50 -8.93 7.59 2.83
CA ASP B 50 -8.65 8.02 4.19
C ASP B 50 -7.55 7.18 4.80
N SER B 51 -6.70 7.83 5.60
CA SER B 51 -5.67 7.15 6.34
C SER B 51 -5.43 7.95 7.61
N PHE B 52 -5.07 7.24 8.68
CA PHE B 52 -4.98 7.86 9.99
C PHE B 52 -3.79 8.79 10.08
N ILE B 53 -4.03 9.96 10.68
CA ILE B 53 -3.00 10.94 10.95
C ILE B 53 -2.37 10.57 12.28
N PRO B 54 -1.05 10.49 12.36
CA PRO B 54 -0.42 10.26 13.67
C PRO B 54 -0.50 11.47 14.54
N ILE B 55 -1.71 11.84 14.97
CA ILE B 55 -1.93 13.13 15.62
C ILE B 55 -1.20 13.23 16.95
N ASN B 56 -0.89 12.10 17.57
CA ASN B 56 -0.28 12.06 18.89
C ASN B 56 1.24 11.94 18.85
N ASN B 57 1.86 12.12 17.69
CA ASN B 57 3.30 11.95 17.62
C ASN B 57 4.01 12.85 18.63
N ILE B 58 4.67 12.25 19.62
CA ILE B 58 5.35 12.98 20.68
C ILE B 58 6.45 12.06 21.19
N GLN B 59 7.22 12.53 22.17
CA GLN B 59 8.44 11.84 22.57
C GLN B 59 8.16 10.40 22.96
N GLY B 60 7.13 10.16 23.74
CA GLY B 60 6.89 8.81 24.21
C GLY B 60 6.09 7.92 23.28
N GLU B 61 5.18 8.52 22.50
CA GLU B 61 4.14 7.77 21.82
C GLU B 61 4.51 7.38 20.40
N VAL B 62 5.58 7.93 19.82
CA VAL B 62 5.98 7.54 18.48
C VAL B 62 6.58 6.15 18.52
N GLY B 63 6.23 5.33 17.53
CA GLY B 63 6.60 3.94 17.51
C GLY B 63 5.55 3.01 18.06
N LYS B 64 4.50 3.56 18.66
CA LYS B 64 3.40 2.79 19.23
C LYS B 64 2.12 3.16 18.51
N VAL B 65 1.12 2.28 18.60
CA VAL B 65 -0.18 2.58 18.00
C VAL B 65 -0.82 3.80 18.65
N SER B 66 -0.48 4.09 19.91
CA SER B 66 -1.07 5.21 20.61
C SER B 66 -0.73 6.56 20.00
N MET B 67 0.18 6.61 19.03
CA MET B 67 0.46 7.85 18.33
C MET B 67 -0.68 8.29 17.43
N TYR B 68 -1.69 7.46 17.23
CA TYR B 68 -2.81 7.84 16.38
C TYR B 68 -4.00 8.42 17.12
N TYR B 69 -4.05 8.35 18.45
CA TYR B 69 -5.22 8.87 19.15
C TYR B 69 -4.82 9.83 20.27
N ILE B 70 -5.73 10.76 20.52
CA ILE B 70 -5.61 11.80 21.53
C ILE B 70 -6.67 11.52 22.59
N THR B 71 -6.41 11.99 23.81
CA THR B 71 -7.34 11.85 24.92
C THR B 71 -8.14 13.13 25.08
N VAL B 72 -9.43 13.00 25.29
CA VAL B 72 -10.32 14.12 25.60
C VAL B 72 -11.06 13.80 26.89
N THR B 73 -11.16 14.80 27.75
CA THR B 73 -11.82 14.69 29.05
C THR B 73 -12.80 15.85 29.19
N LYS B 74 -13.49 15.91 30.33
CA LYS B 74 -14.37 17.04 30.59
C LYS B 74 -13.60 18.13 31.30
N LYS B 75 -13.77 19.35 30.84
CA LYS B 75 -13.03 20.50 31.33
C LYS B 75 -13.99 21.66 31.54
N THR B 76 -13.60 22.57 32.44
CA THR B 76 -14.47 23.70 32.74
C THR B 76 -14.41 24.77 31.65
N VAL B 77 -13.26 24.96 31.03
CA VAL B 77 -13.06 26.00 30.04
C VAL B 77 -12.55 25.38 28.76
N THR B 78 -12.93 25.96 27.63
CA THR B 78 -12.49 25.48 26.33
C THR B 78 -10.97 25.52 26.22
N GLU B 79 -10.42 24.47 25.65
CA GLU B 79 -9.01 24.31 25.42
C GLU B 79 -8.78 24.00 23.95
N ARG B 80 -7.58 24.30 23.47
CA ARG B 80 -7.19 23.83 22.15
C ARG B 80 -6.65 22.42 22.31
N ILE B 81 -7.34 21.46 21.71
CA ILE B 81 -7.05 20.05 21.94
C ILE B 81 -5.89 19.60 21.08
N LEU B 82 -5.87 20.01 19.82
CA LEU B 82 -4.99 19.48 18.81
C LEU B 82 -4.73 20.56 17.78
N VAL B 83 -3.55 20.53 17.17
CA VAL B 83 -3.23 21.39 16.05
C VAL B 83 -2.61 20.54 14.95
N LEU B 84 -3.15 20.68 13.74
CA LEU B 84 -2.65 19.99 12.56
C LEU B 84 -2.20 21.07 11.59
N PRO B 85 -0.98 21.58 11.74
CA PRO B 85 -0.49 22.58 10.79
C PRO B 85 -0.46 21.99 9.40
N LEU B 86 -0.98 22.74 8.43
CA LEU B 86 -1.26 22.13 7.14
C LEU B 86 0.01 22.27 6.32
N GLU B 87 0.78 21.18 6.28
CA GLU B 87 1.94 21.02 5.43
C GLU B 87 1.98 19.57 5.04
N MET B 88 2.13 19.30 3.75
CA MET B 88 2.26 17.91 3.35
C MET B 88 3.61 17.34 3.68
N SER B 89 4.57 18.19 4.04
CA SER B 89 5.90 17.75 4.45
C SER B 89 6.01 17.50 5.94
N ASN B 90 4.99 17.87 6.70
CA ASN B 90 4.96 17.63 8.13
C ASN B 90 4.63 16.18 8.40
N THR B 91 5.26 15.63 9.45
CA THR B 91 5.08 14.21 9.78
C THR B 91 3.62 13.83 9.90
N LEU B 92 2.80 14.74 10.42
CA LEU B 92 1.37 14.48 10.52
C LEU B 92 0.79 14.06 9.18
N PHE B 93 0.96 14.88 8.15
CA PHE B 93 0.44 14.51 6.84
C PHE B 93 1.41 13.65 6.03
N ALA B 94 2.72 13.88 6.15
CA ALA B 94 3.68 13.21 5.29
C ALA B 94 3.66 11.69 5.42
N THR B 95 3.18 11.16 6.53
CA THR B 95 3.20 9.72 6.75
C THR B 95 1.94 9.03 6.29
N THR B 96 0.93 9.78 5.85
CA THR B 96 -0.35 9.23 5.46
C THR B 96 -0.31 8.76 4.00
N LEU B 97 -1.42 8.18 3.52
CA LEU B 97 -1.52 7.89 2.09
C LEU B 97 -1.61 9.17 1.29
N LEU B 98 -2.40 10.13 1.75
CA LEU B 98 -2.45 11.44 1.14
C LEU B 98 -1.06 12.06 1.08
N GLY B 99 -0.46 12.31 2.24
CA GLY B 99 0.77 13.06 2.29
C GLY B 99 1.96 12.36 1.69
N GLU B 100 1.95 11.03 1.64
CA GLU B 100 3.11 10.35 1.10
C GLU B 100 3.01 10.10 -0.40
N VAL B 101 1.83 10.32 -0.99
CA VAL B 101 1.75 10.52 -2.44
C VAL B 101 2.15 11.95 -2.79
N LEU B 102 1.75 12.92 -1.97
CA LEU B 102 2.06 14.32 -2.26
C LEU B 102 3.52 14.66 -2.03
N ASN B 103 4.27 13.85 -1.29
CA ASN B 103 5.67 14.15 -1.09
C ASN B 103 6.54 13.75 -2.27
N TYR B 104 6.01 13.01 -3.22
CA TYR B 104 6.68 12.81 -4.49
C TYR B 104 6.55 13.98 -5.45
N TYR B 105 5.74 14.98 -5.13
CA TYR B 105 5.45 16.10 -6.03
C TYR B 105 5.81 17.40 -5.35
N ALA B 106 6.37 18.33 -6.12
CA ALA B 106 6.93 19.54 -5.52
C ALA B 106 5.87 20.51 -5.04
N ASN B 107 4.68 20.49 -5.61
CA ASN B 107 3.63 21.40 -5.17
C ASN B 107 2.27 20.82 -5.55
N TRP B 108 1.23 21.36 -4.91
CA TRP B 108 -0.10 20.78 -5.00
C TRP B 108 -1.16 21.87 -4.94
N SER B 109 -2.36 21.52 -5.38
CA SER B 109 -3.55 22.34 -5.26
C SER B 109 -4.73 21.45 -4.90
N GLY B 110 -5.78 22.06 -4.40
CA GLY B 110 -7.01 21.36 -4.08
C GLY B 110 -7.26 21.26 -2.58
N SER B 111 -8.36 20.60 -2.26
CA SER B 111 -8.95 20.62 -0.93
C SER B 111 -8.62 19.34 -0.17
N ILE B 112 -8.47 19.49 1.13
CA ILE B 112 -8.18 18.39 2.04
C ILE B 112 -9.45 18.01 2.75
N THR B 113 -9.58 16.72 3.04
CA THR B 113 -10.64 16.20 3.89
C THR B 113 -10.01 15.61 5.14
N ILE B 114 -10.39 16.10 6.31
CA ILE B 114 -9.95 15.55 7.58
C ILE B 114 -11.16 15.08 8.36
N THR B 115 -11.14 13.83 8.80
CA THR B 115 -12.26 13.20 9.49
C THR B 115 -11.83 12.83 10.89
N PHE B 116 -12.59 13.31 11.88
CA PHE B 116 -12.33 13.02 13.28
C PHE B 116 -13.35 12.00 13.79
N MET B 117 -12.86 10.91 14.37
CA MET B 117 -13.72 9.92 15.00
C MET B 117 -13.35 9.82 16.47
N CYS B 118 -14.35 9.83 17.33
CA CYS B 118 -14.14 9.68 18.75
C CYS B 118 -14.47 8.25 19.17
N VAL B 119 -13.52 7.61 19.84
CA VAL B 119 -13.72 6.27 20.37
C VAL B 119 -13.96 6.43 21.87
N CYS B 120 -15.21 6.26 22.27
CA CYS B 120 -15.62 6.37 23.65
C CYS B 120 -16.78 5.40 23.84
N ASP B 121 -17.35 5.38 25.04
CA ASP B 121 -18.52 4.53 25.19
C ASP B 121 -19.74 5.23 24.62
N ALA B 122 -20.87 4.53 24.62
CA ALA B 122 -22.04 5.06 23.95
C ALA B 122 -22.77 6.12 24.76
N PHE B 123 -22.42 6.29 26.03
CA PHE B 123 -23.04 7.28 26.89
C PHE B 123 -22.25 8.57 26.95
N SER B 124 -21.09 8.63 26.29
CA SER B 124 -20.32 9.85 26.21
C SER B 124 -20.87 10.74 25.11
N THR B 125 -20.72 12.04 25.31
CA THR B 125 -21.22 13.02 24.35
C THR B 125 -20.29 14.22 24.34
N GLY B 126 -20.36 14.99 23.28
CA GLY B 126 -19.53 16.18 23.19
C GLY B 126 -19.87 17.01 21.98
N LYS B 127 -19.51 18.28 22.05
CA LYS B 127 -19.48 19.17 20.90
C LYS B 127 -18.05 19.65 20.74
N PHE B 128 -17.55 19.64 19.52
CA PHE B 128 -16.21 20.09 19.23
C PHE B 128 -16.23 21.14 18.14
N LEU B 129 -15.31 22.09 18.23
CA LEU B 129 -15.06 23.03 17.14
C LEU B 129 -13.83 22.54 16.38
N VAL B 130 -13.98 22.34 15.08
CA VAL B 130 -12.85 22.06 14.22
C VAL B 130 -12.70 23.26 13.29
N ALA B 131 -11.63 24.02 13.45
CA ALA B 131 -11.39 25.23 12.71
C ALA B 131 -10.23 25.06 11.74
N TYR B 132 -10.32 25.72 10.61
CA TYR B 132 -9.19 25.83 9.69
C TYR B 132 -8.83 27.30 9.53
N THR B 133 -7.66 27.66 10.03
CA THR B 133 -7.16 29.02 9.88
C THR B 133 -6.56 29.17 8.49
N PRO B 134 -7.08 30.06 7.65
CA PRO B 134 -6.62 30.14 6.28
C PRO B 134 -5.19 30.62 6.20
N PRO B 135 -4.52 30.47 5.07
CA PRO B 135 -3.13 30.90 4.96
C PRO B 135 -2.95 32.39 5.23
N GLY B 136 -1.82 32.72 5.83
CA GLY B 136 -1.52 34.09 6.18
C GLY B 136 -2.00 34.51 7.54
N GLY B 137 -2.76 33.67 8.22
CA GLY B 137 -3.25 33.98 9.54
C GLY B 137 -2.41 33.35 10.63
N LYS B 138 -2.63 33.82 11.84
CA LYS B 138 -1.91 33.36 13.00
C LYS B 138 -2.67 32.21 13.63
N LEU B 139 -1.95 31.20 14.12
CA LEU B 139 -2.58 30.12 14.85
C LEU B 139 -3.36 30.69 16.03
N PRO B 140 -4.66 30.39 16.16
CA PRO B 140 -5.54 31.24 16.98
C PRO B 140 -5.19 31.35 18.46
N GLU B 141 -5.00 30.23 19.16
CA GLU B 141 -4.80 30.23 20.61
C GLU B 141 -5.98 30.82 21.38
N ASP B 142 -7.15 30.93 20.76
CA ASP B 142 -8.39 31.20 21.46
C ASP B 142 -9.51 30.68 20.57
N ARG B 143 -10.59 30.19 21.20
CA ARG B 143 -11.69 29.69 20.39
C ARG B 143 -12.46 30.82 19.74
N LYS B 144 -12.38 32.04 20.25
CA LYS B 144 -12.98 33.18 19.56
C LYS B 144 -12.23 33.49 18.28
N GLN B 145 -10.92 33.33 18.30
CA GLN B 145 -10.10 33.59 17.12
C GLN B 145 -10.13 32.44 16.14
N ALA B 146 -10.36 31.22 16.63
CA ALA B 146 -10.40 30.05 15.78
C ALA B 146 -11.71 29.97 15.00
N MET B 147 -12.81 30.31 15.63
CA MET B 147 -14.11 30.30 14.97
C MET B 147 -14.23 31.35 13.87
N LEU B 148 -13.30 32.27 13.75
CA LEU B 148 -13.42 33.26 12.67
C LEU B 148 -12.94 32.75 11.34
N GLY B 149 -12.36 31.55 11.28
CA GLY B 149 -11.99 30.93 10.03
C GLY B 149 -12.99 29.88 9.61
N VAL B 150 -12.59 29.07 8.63
CA VAL B 150 -13.40 27.94 8.23
C VAL B 150 -13.52 26.99 9.40
N HIS B 151 -14.74 26.66 9.80
CA HIS B 151 -14.89 25.77 10.93
C HIS B 151 -16.18 25.00 10.81
N ILE B 152 -16.20 23.85 11.45
CA ILE B 152 -17.40 23.05 11.65
C ILE B 152 -17.56 22.85 13.14
N ILE B 153 -18.76 22.46 13.53
CA ILE B 153 -19.05 22.05 14.89
C ILE B 153 -19.69 20.69 14.81
N TRP B 154 -19.04 19.68 15.39
CA TRP B 154 -19.58 18.33 15.29
C TRP B 154 -20.14 17.88 16.63
N ASP B 155 -21.44 17.62 16.64
CA ASP B 155 -22.10 16.92 17.72
C ASP B 155 -21.65 15.48 17.74
N LEU B 156 -21.53 14.92 18.93
CA LEU B 156 -21.00 13.57 19.10
C LEU B 156 -22.07 12.66 19.67
N GLY B 157 -22.58 11.76 18.83
CA GLY B 157 -23.34 10.59 19.25
C GLY B 157 -23.87 9.87 18.03
N LEU B 158 -24.15 8.58 18.11
CA LEU B 158 -24.99 7.88 17.14
C LEU B 158 -24.43 7.87 15.71
N GLN B 159 -23.45 8.73 15.43
CA GLN B 159 -22.59 8.65 14.26
C GLN B 159 -21.19 8.89 14.79
N SER B 160 -20.24 8.09 14.34
CA SER B 160 -18.90 8.14 14.95
C SER B 160 -18.18 9.43 14.61
N SER B 161 -18.23 9.81 13.33
CA SER B 161 -17.22 10.67 12.75
C SER B 161 -17.82 11.97 12.24
N CYS B 162 -16.94 12.94 12.03
CA CYS B 162 -17.30 14.16 11.33
C CYS B 162 -16.12 14.62 10.50
N THR B 163 -16.41 15.36 9.46
CA THR B 163 -15.41 15.74 8.46
C THR B 163 -15.39 17.24 8.28
N ILE B 164 -14.28 17.88 8.59
CA ILE B 164 -14.04 19.23 8.11
C ILE B 164 -13.38 19.12 6.74
N VAL B 165 -13.89 19.87 5.79
CA VAL B 165 -13.18 20.05 4.54
C VAL B 165 -12.27 21.24 4.70
N VAL B 166 -10.99 21.05 4.43
CA VAL B 166 -10.08 22.18 4.34
C VAL B 166 -10.18 22.66 2.91
N PRO B 167 -10.85 23.78 2.65
CA PRO B 167 -11.04 24.20 1.27
C PRO B 167 -9.77 24.81 0.71
N TRP B 168 -9.72 24.88 -0.61
CA TRP B 168 -8.54 25.48 -1.23
C TRP B 168 -8.67 26.98 -1.13
N ILE B 169 -7.77 27.59 -0.36
CA ILE B 169 -7.65 29.03 -0.23
C ILE B 169 -6.18 29.34 -0.46
N SER B 170 -5.88 29.99 -1.57
CA SER B 170 -4.50 30.26 -1.91
C SER B 170 -4.43 31.52 -2.76
N SER B 171 -3.38 32.32 -2.55
CA SER B 171 -3.13 33.41 -3.47
C SER B 171 -2.74 32.87 -4.83
N GLY B 172 -1.69 32.05 -4.87
CA GLY B 172 -1.27 31.42 -6.11
C GLY B 172 -2.03 30.16 -6.40
N PHE B 173 -1.74 29.56 -7.55
CA PHE B 173 -2.51 28.43 -8.02
C PHE B 173 -2.04 27.11 -7.44
N TYR B 174 -0.84 27.06 -6.86
CA TYR B 174 -0.31 25.86 -6.27
C TYR B 174 0.38 26.19 -4.96
N ARG B 175 0.43 25.19 -4.10
CA ARG B 175 1.06 25.28 -2.79
C ARG B 175 2.22 24.32 -2.77
N ARG B 176 3.35 24.77 -2.24
CA ARG B 176 4.54 23.91 -2.18
C ARG B 176 4.35 22.80 -1.17
N THR B 177 4.77 21.60 -1.55
CA THR B 177 4.65 20.47 -0.64
C THR B 177 5.48 20.68 0.61
N LYS B 178 6.65 21.30 0.47
CA LYS B 178 7.48 21.64 1.61
C LYS B 178 7.07 22.98 2.19
N ALA B 179 6.94 23.03 3.50
CA ALA B 179 6.50 24.23 4.20
C ALA B 179 7.40 25.42 3.91
N ASP B 180 6.80 26.53 3.49
CA ASP B 180 7.46 27.82 3.47
C ASP B 180 6.43 28.86 3.85
N SER B 181 6.91 30.05 4.23
CA SER B 181 5.99 31.09 4.65
C SER B 181 5.25 31.74 3.49
N PHE B 182 5.75 31.61 2.27
CA PHE B 182 5.10 32.24 1.14
C PHE B 182 3.84 31.49 0.74
N THR B 183 3.92 30.17 0.61
CA THR B 183 2.80 29.33 0.21
C THR B 183 2.11 28.64 1.38
N HIS B 184 2.46 28.96 2.63
CA HIS B 184 2.01 28.15 3.76
C HIS B 184 0.50 28.01 3.76
N GLY B 185 0.02 26.86 4.25
CA GLY B 185 -1.35 26.48 4.05
C GLY B 185 -2.33 26.82 5.15
N GLY B 186 -1.84 27.12 6.33
CA GLY B 186 -2.69 27.39 7.47
C GLY B 186 -2.73 26.24 8.44
N TYR B 187 -3.67 26.32 9.37
CA TYR B 187 -3.73 25.43 10.52
C TYR B 187 -5.13 24.85 10.67
N VAL B 188 -5.20 23.58 11.04
CA VAL B 188 -6.41 22.95 11.54
C VAL B 188 -6.24 22.72 13.03
N SER B 189 -7.19 23.19 13.82
CA SER B 189 -7.13 23.03 15.27
C SER B 189 -8.46 22.49 15.78
N LEU B 190 -8.38 21.77 16.89
CA LEU B 190 -9.54 21.14 17.50
C LEU B 190 -9.80 21.80 18.85
N TRP B 191 -11.06 22.14 19.10
CA TRP B 191 -11.47 22.86 20.29
C TRP B 191 -12.67 22.15 20.91
N TYR B 192 -12.92 22.44 22.17
CA TYR B 192 -14.18 22.05 22.79
C TYR B 192 -15.23 23.11 22.44
N GLN B 193 -16.32 22.69 21.83
CA GLN B 193 -17.43 23.60 21.64
C GLN B 193 -18.21 23.77 22.93
N THR B 194 -18.76 22.70 23.46
CA THR B 194 -19.21 22.75 24.85
C THR B 194 -18.23 21.99 25.73
N ALA B 195 -18.36 20.67 25.77
CA ALA B 195 -17.49 19.84 26.59
C ALA B 195 -17.59 18.41 26.08
N PHE B 196 -16.62 17.60 26.47
CA PHE B 196 -16.75 16.16 26.37
C PHE B 196 -17.27 15.66 27.71
N VAL B 197 -18.47 15.10 27.74
CA VAL B 197 -19.08 14.68 28.99
C VAL B 197 -19.19 13.16 28.98
N PRO B 198 -18.49 12.45 29.87
CA PRO B 198 -18.66 11.02 29.96
C PRO B 198 -19.77 10.65 30.94
N PRO B 199 -20.12 9.37 31.05
CA PRO B 199 -21.13 8.98 32.05
C PRO B 199 -20.63 9.03 33.48
N VAL B 200 -19.33 9.02 33.71
CA VAL B 200 -18.75 9.06 35.04
C VAL B 200 -17.70 10.16 35.06
N SER B 201 -17.50 10.77 36.23
CA SER B 201 -16.74 12.01 36.34
C SER B 201 -15.35 11.90 35.71
N GLY B 202 -14.58 10.90 36.11
CA GLY B 202 -13.25 10.83 35.55
C GLY B 202 -13.16 10.27 34.16
N GLY B 203 -14.29 10.03 33.51
CA GLY B 203 -14.27 9.34 32.24
C GLY B 203 -13.54 10.11 31.16
N THR B 204 -13.12 9.38 30.13
CA THR B 204 -12.25 9.92 29.11
C THR B 204 -12.67 9.39 27.76
N GLY B 205 -12.11 9.97 26.71
CA GLY B 205 -12.43 9.53 25.36
C GLY B 205 -11.22 9.71 24.48
N SER B 206 -11.22 8.97 23.38
CA SER B 206 -10.13 8.98 22.42
C SER B 206 -10.63 9.50 21.09
N ILE B 207 -9.82 10.34 20.46
CA ILE B 207 -10.12 10.89 19.14
C ILE B 207 -9.05 10.44 18.17
N LEU B 208 -9.48 9.86 17.06
CA LEU B 208 -8.62 9.56 15.93
C LEU B 208 -8.86 10.58 14.83
N ALA B 209 -8.04 10.54 13.79
CA ALA B 209 -8.19 11.46 12.68
C ALA B 209 -7.68 10.80 11.41
N THR B 210 -8.38 11.03 10.30
CA THR B 210 -7.95 10.56 8.99
C THR B 210 -7.95 11.73 8.02
N CYS B 211 -7.12 11.60 6.98
CA CYS B 211 -7.08 12.61 5.93
C CYS B 211 -7.14 11.95 4.58
N SER B 212 -7.83 12.59 3.64
CA SER B 212 -7.81 12.19 2.25
C SER B 212 -7.88 13.43 1.39
N ALA B 213 -7.57 13.27 0.11
CA ALA B 213 -7.71 14.34 -0.86
C ALA B 213 -9.15 14.42 -1.36
N CYS B 214 -9.58 15.63 -1.66
CA CYS B 214 -10.84 15.80 -2.37
C CYS B 214 -10.64 15.48 -3.84
N PRO B 215 -11.72 15.45 -4.63
CA PRO B 215 -11.54 15.16 -6.06
C PRO B 215 -10.82 16.24 -6.84
N ASP B 216 -10.84 17.49 -6.38
CA ASP B 216 -10.16 18.57 -7.09
C ASP B 216 -8.67 18.63 -6.82
N MET B 217 -8.16 17.80 -5.92
CA MET B 217 -6.73 17.77 -5.62
C MET B 217 -5.91 17.42 -6.84
N SER B 218 -4.81 18.15 -7.03
CA SER B 218 -3.90 17.89 -8.13
C SER B 218 -2.47 18.16 -7.69
N VAL B 219 -1.53 17.43 -8.28
CA VAL B 219 -0.11 17.51 -7.98
C VAL B 219 0.65 17.74 -9.26
N ARG B 220 1.89 18.21 -9.13
CA ARG B 220 2.75 18.31 -10.30
C ARG B 220 4.21 18.35 -9.87
N MET B 221 5.09 18.10 -10.84
CA MET B 221 6.56 18.05 -10.69
C MET B 221 6.99 16.91 -9.76
N LEU B 222 6.88 15.69 -10.30
CA LEU B 222 7.36 14.50 -9.62
C LEU B 222 8.84 14.65 -9.25
N ARG B 223 9.16 14.37 -8.00
CA ARG B 223 10.50 14.50 -7.46
C ARG B 223 10.77 13.31 -6.56
N ASP B 224 11.97 13.25 -5.99
CA ASP B 224 12.21 12.24 -4.97
C ASP B 224 11.47 12.57 -3.69
N SER B 225 10.99 11.55 -3.03
CA SER B 225 10.29 11.75 -1.78
C SER B 225 11.30 11.76 -0.62
N PRO B 226 11.23 12.75 0.27
CA PRO B 226 12.08 12.71 1.47
C PRO B 226 11.76 11.54 2.38
N MET B 227 10.68 10.83 2.13
CA MET B 227 10.17 9.76 2.97
C MET B 227 10.87 8.44 2.75
N MET B 228 11.93 8.41 1.96
CA MET B 228 12.82 7.27 1.90
C MET B 228 14.26 7.75 1.83
N GLU B 229 15.14 7.05 2.55
CA GLU B 229 16.56 7.35 2.57
C GLU B 229 17.29 6.02 2.62
N GLN B 230 18.38 5.91 1.87
CA GLN B 230 19.21 4.71 1.83
C GLN B 230 20.62 5.09 2.25
N LYS B 231 21.02 4.65 3.43
CA LYS B 231 22.38 4.87 3.92
C LYS B 231 23.30 3.68 3.68
N ASN B 232 22.78 2.53 3.27
CA ASN B 232 23.55 1.30 3.17
C ASN B 232 23.20 0.58 1.88
N GLU B 233 24.10 -0.29 1.43
CA GLU B 233 23.78 -1.11 0.28
C GLU B 233 22.94 -2.30 0.72
N LEU B 234 21.97 -2.67 -0.11
CA LEU B 234 21.10 -3.80 0.16
C LEU B 234 21.70 -5.03 -0.53
N GLN B 235 22.11 -6.01 0.26
CA GLN B 235 22.76 -7.19 -0.28
C GLN B 235 22.13 -8.46 0.25
N ASP C 11 -31.43 0.75 10.26
CA ASP C 11 -31.83 -0.64 10.46
C ASP C 11 -30.73 -1.44 11.14
N ARG C 12 -29.53 -1.43 10.54
CA ARG C 12 -28.31 -2.05 11.04
C ARG C 12 -28.39 -3.57 11.03
N LEU C 13 -29.52 -4.15 10.64
CA LEU C 13 -29.69 -5.58 10.56
C LEU C 13 -29.07 -6.13 9.27
N LYS C 14 -28.54 -7.34 9.35
CA LYS C 14 -27.99 -8.01 8.19
C LYS C 14 -28.08 -9.52 8.37
N GLN C 15 -28.28 -10.21 7.26
CA GLN C 15 -28.26 -11.67 7.22
C GLN C 15 -27.49 -12.12 6.00
N ILE C 16 -26.53 -13.02 6.22
CA ILE C 16 -25.73 -13.57 5.13
C ILE C 16 -25.83 -15.08 5.22
N THR C 17 -26.40 -15.70 4.21
CA THR C 17 -26.61 -17.14 4.16
C THR C 17 -25.69 -17.70 3.08
N ILE C 18 -24.66 -18.43 3.49
CA ILE C 18 -23.83 -19.20 2.59
C ILE C 18 -24.09 -20.65 2.94
N GLY C 19 -24.34 -21.48 1.93
CA GLY C 19 -25.11 -22.68 2.11
C GLY C 19 -24.72 -23.53 3.28
N ASN C 20 -25.72 -23.97 4.05
CA ASN C 20 -25.65 -24.74 5.29
C ASN C 20 -25.53 -23.85 6.52
N SER C 21 -25.27 -22.55 6.37
CA SER C 21 -24.92 -21.71 7.49
C SER C 21 -25.42 -20.30 7.27
N THR C 22 -25.75 -19.61 8.36
CA THR C 22 -26.33 -18.28 8.29
C THR C 22 -25.71 -17.39 9.35
N ILE C 23 -25.21 -16.25 8.94
CA ILE C 23 -24.82 -15.18 9.85
C ILE C 23 -26.02 -14.27 10.04
N THR C 24 -26.22 -13.81 11.24
CA THR C 24 -27.22 -12.79 11.51
C THR C 24 -26.57 -11.70 12.34
N THR C 25 -26.51 -10.50 11.80
CA THR C 25 -25.87 -9.38 12.47
C THR C 25 -26.91 -8.29 12.66
N GLN C 26 -27.20 -7.97 13.90
CA GLN C 26 -28.21 -6.98 14.18
C GLN C 26 -27.64 -5.58 14.43
N ASP C 27 -26.34 -5.47 14.62
CA ASP C 27 -25.69 -4.17 14.71
C ASP C 27 -24.56 -4.20 13.70
N SER C 28 -24.71 -3.45 12.61
CA SER C 28 -23.88 -3.74 11.46
C SER C 28 -23.71 -2.49 10.61
N LEU C 29 -22.61 -2.48 9.87
CA LEU C 29 -22.32 -1.48 8.86
C LEU C 29 -22.69 -2.06 7.51
N HIS C 30 -22.39 -1.31 6.45
CA HIS C 30 -22.42 -1.91 5.13
C HIS C 30 -21.34 -2.98 5.03
N THR C 31 -21.54 -3.91 4.12
CA THR C 31 -20.54 -4.91 3.81
C THR C 31 -19.50 -4.29 2.89
N VAL C 32 -18.23 -4.50 3.21
CA VAL C 32 -17.16 -4.09 2.29
C VAL C 32 -17.04 -5.15 1.20
N LEU C 33 -17.23 -4.72 -0.04
CA LEU C 33 -16.97 -5.57 -1.18
C LEU C 33 -15.62 -5.13 -1.73
N ALA C 34 -14.61 -5.97 -1.51
CA ALA C 34 -13.24 -5.57 -1.79
C ALA C 34 -13.06 -5.28 -3.26
N TYR C 35 -12.59 -4.07 -3.57
CA TYR C 35 -12.30 -3.64 -4.93
C TYR C 35 -13.56 -3.64 -5.79
N GLY C 36 -14.72 -3.54 -5.17
CA GLY C 36 -16.00 -3.62 -5.86
C GLY C 36 -16.18 -4.86 -6.68
N GLU C 37 -15.68 -5.99 -6.20
CA GLU C 37 -15.53 -7.20 -6.99
C GLU C 37 -16.08 -8.39 -6.20
N TRP C 38 -17.06 -9.05 -6.74
CA TRP C 38 -17.50 -10.26 -6.09
C TRP C 38 -16.68 -11.44 -6.55
N PRO C 39 -16.55 -12.48 -5.73
CA PRO C 39 -15.86 -13.69 -6.18
C PRO C 39 -16.60 -14.35 -7.33
N THR C 40 -15.85 -14.73 -8.35
CA THR C 40 -16.39 -15.45 -9.50
C THR C 40 -15.60 -16.75 -9.67
N TYR C 41 -16.17 -17.68 -10.42
CA TYR C 41 -15.37 -18.82 -10.86
C TYR C 41 -14.43 -18.40 -11.97
N LEU C 42 -13.28 -19.07 -12.04
CA LEU C 42 -12.30 -18.75 -13.06
C LEU C 42 -12.88 -19.00 -14.44
N SER C 43 -12.84 -17.97 -15.28
CA SER C 43 -13.44 -18.10 -16.60
C SER C 43 -12.49 -18.83 -17.54
N ASP C 44 -12.99 -19.11 -18.73
CA ASP C 44 -12.20 -19.83 -19.72
C ASP C 44 -11.18 -18.94 -20.38
N ILE C 45 -11.44 -17.63 -20.42
CA ILE C 45 -10.49 -16.69 -21.01
C ILE C 45 -9.22 -16.63 -20.20
N ASP C 46 -9.34 -16.70 -18.88
CA ASP C 46 -8.22 -16.51 -17.96
C ASP C 46 -7.54 -17.82 -17.56
N ALA C 47 -8.03 -18.96 -18.02
CA ALA C 47 -7.59 -20.25 -17.51
C ALA C 47 -6.20 -20.62 -18.01
N THR C 48 -5.55 -21.51 -17.27
CA THR C 48 -4.25 -22.05 -17.62
C THR C 48 -4.31 -23.56 -17.79
N SER C 49 -4.65 -24.27 -16.72
CA SER C 49 -4.62 -25.73 -16.73
C SER C 49 -5.80 -26.28 -17.51
N VAL C 50 -5.58 -27.43 -18.14
CA VAL C 50 -6.55 -27.97 -19.08
C VAL C 50 -7.61 -28.83 -18.43
N ASP C 51 -7.43 -29.25 -17.18
CA ASP C 51 -8.36 -30.19 -16.59
C ASP C 51 -9.57 -29.49 -16.00
N LYS C 52 -10.69 -30.16 -16.05
CA LYS C 52 -11.94 -29.63 -15.54
C LYS C 52 -11.88 -29.51 -14.03
N PRO C 53 -12.01 -28.32 -13.46
CA PRO C 53 -11.92 -28.18 -12.01
C PRO C 53 -13.15 -28.70 -11.31
N THR C 54 -13.04 -28.87 -10.01
CA THR C 54 -14.17 -29.25 -9.18
C THR C 54 -14.70 -28.02 -8.44
N HIS C 55 -16.02 -27.92 -8.36
CA HIS C 55 -16.66 -26.90 -7.54
C HIS C 55 -17.39 -27.61 -6.41
N PRO C 56 -16.89 -27.58 -5.18
CA PRO C 56 -17.62 -28.24 -4.09
C PRO C 56 -18.91 -27.53 -3.72
N GLU C 57 -18.97 -26.21 -3.91
CA GLU C 57 -20.16 -25.39 -3.65
C GLU C 57 -20.56 -25.53 -2.20
N THR C 58 -21.80 -25.92 -1.89
CA THR C 58 -22.36 -25.71 -0.55
C THR C 58 -21.56 -26.39 0.55
N SER C 59 -20.86 -27.48 0.24
CA SER C 59 -20.15 -28.18 1.29
C SER C 59 -18.83 -27.50 1.65
N ALA C 60 -18.11 -26.99 0.66
CA ALA C 60 -16.94 -26.16 0.94
C ALA C 60 -17.32 -24.71 1.20
N ASP C 61 -18.30 -24.18 0.48
CA ASP C 61 -18.64 -22.76 0.58
C ASP C 61 -19.70 -22.61 1.65
N ARG C 62 -19.30 -22.07 2.80
CA ARG C 62 -20.10 -22.03 4.02
C ARG C 62 -19.22 -21.41 5.09
N PHE C 63 -19.85 -20.94 6.17
CA PHE C 63 -19.11 -20.23 7.20
C PHE C 63 -18.39 -21.20 8.11
N TYR C 64 -17.10 -20.97 8.27
CA TYR C 64 -16.27 -21.69 9.24
C TYR C 64 -15.85 -20.68 10.30
N THR C 65 -16.36 -20.84 11.51
CA THR C 65 -15.97 -19.97 12.60
C THR C 65 -14.74 -20.57 13.28
N LEU C 66 -13.76 -19.73 13.54
CA LEU C 66 -12.49 -20.18 14.09
C LEU C 66 -12.56 -20.12 15.61
N ASP C 67 -11.43 -20.31 16.29
CA ASP C 67 -11.39 -20.06 17.71
C ASP C 67 -11.46 -18.55 17.99
N SER C 68 -12.11 -18.21 19.10
CA SER C 68 -12.16 -16.82 19.52
C SER C 68 -10.85 -16.44 20.19
N VAL C 69 -10.52 -15.15 20.10
CA VAL C 69 -9.35 -14.60 20.77
C VAL C 69 -9.82 -13.63 21.83
N GLU C 70 -9.15 -13.64 22.97
CA GLU C 70 -9.52 -12.79 24.08
C GLU C 70 -8.90 -11.42 23.85
N TRP C 71 -9.72 -10.39 23.75
CA TRP C 71 -9.20 -9.04 23.60
C TRP C 71 -9.16 -8.32 24.93
N GLN C 72 -7.99 -7.81 25.24
CA GLN C 72 -7.62 -7.41 26.59
C GLN C 72 -6.98 -6.04 26.53
N VAL C 73 -6.80 -5.44 27.70
CA VAL C 73 -5.90 -4.30 27.80
C VAL C 73 -4.49 -4.75 27.46
N GLY C 74 -3.87 -4.07 26.51
CA GLY C 74 -2.50 -4.37 26.17
C GLY C 74 -2.30 -5.42 25.11
N SER C 75 -3.37 -5.94 24.50
CA SER C 75 -3.21 -6.91 23.44
C SER C 75 -2.96 -6.19 22.12
N HIS C 76 -1.91 -6.59 21.42
CA HIS C 76 -1.48 -5.86 20.25
C HIS C 76 -2.18 -6.25 18.96
N GLY C 77 -2.74 -7.44 18.86
CA GLY C 77 -3.49 -7.78 17.70
C GLY C 77 -3.33 -9.23 17.33
N TRP C 78 -3.88 -9.58 16.17
CA TRP C 78 -3.92 -10.94 15.69
C TRP C 78 -3.91 -10.93 14.17
N TRP C 79 -3.36 -11.98 13.58
CA TRP C 79 -3.55 -12.19 12.16
C TRP C 79 -3.81 -13.65 11.87
N TRP C 80 -4.53 -13.88 10.78
CA TRP C 80 -4.80 -15.19 10.21
C TRP C 80 -4.39 -15.16 8.75
N LYS C 81 -3.88 -16.28 8.25
CA LYS C 81 -3.55 -16.39 6.84
C LYS C 81 -4.61 -17.22 6.13
N LEU C 82 -4.96 -16.80 4.92
CA LEU C 82 -5.90 -17.54 4.10
C LEU C 82 -5.24 -17.95 2.81
N PRO C 83 -5.57 -19.14 2.29
CA PRO C 83 -6.50 -20.19 2.72
C PRO C 83 -6.13 -20.91 4.01
N ASP C 84 -4.91 -20.69 4.51
CA ASP C 84 -4.33 -21.43 5.62
C ASP C 84 -5.28 -21.67 6.79
N ALA C 85 -5.96 -20.63 7.27
CA ALA C 85 -6.79 -20.78 8.46
C ALA C 85 -7.86 -21.85 8.29
N LEU C 86 -8.25 -22.15 7.05
CA LEU C 86 -9.32 -23.09 6.74
C LEU C 86 -8.81 -24.47 6.39
N LYS C 87 -7.50 -24.73 6.51
CA LYS C 87 -6.93 -25.95 5.95
C LYS C 87 -7.43 -27.20 6.66
N ASP C 88 -7.81 -27.09 7.93
CA ASP C 88 -8.40 -28.21 8.67
C ASP C 88 -9.91 -28.14 8.75
N MET C 89 -10.54 -27.20 8.06
CA MET C 89 -11.96 -26.89 8.28
C MET C 89 -12.80 -27.57 7.21
N GLY C 90 -13.56 -28.58 7.60
CA GLY C 90 -14.56 -29.23 6.79
C GLY C 90 -13.99 -29.87 5.54
N VAL C 91 -14.83 -29.94 4.51
CA VAL C 91 -14.38 -30.44 3.21
C VAL C 91 -13.70 -29.37 2.38
N PHE C 92 -13.72 -28.11 2.81
CA PHE C 92 -12.90 -27.12 2.14
C PHE C 92 -11.43 -27.41 2.36
N GLY C 93 -11.04 -27.68 3.61
CA GLY C 93 -9.66 -28.02 3.88
C GLY C 93 -9.24 -29.34 3.28
N GLN C 94 -10.17 -30.27 3.11
CA GLN C 94 -9.83 -31.52 2.45
C GLN C 94 -9.48 -31.29 0.99
N ASN C 95 -10.21 -30.40 0.33
CA ASN C 95 -9.94 -30.11 -1.07
C ASN C 95 -8.60 -29.39 -1.27
N MET C 96 -8.06 -28.75 -0.25
CA MET C 96 -6.74 -28.14 -0.38
C MET C 96 -5.65 -29.18 -0.51
N TYR C 97 -5.75 -30.26 0.24
CA TYR C 97 -4.68 -31.24 0.27
C TYR C 97 -4.71 -32.17 -0.93
N TYR C 98 -5.88 -32.44 -1.48
CA TYR C 98 -6.00 -33.38 -2.58
C TYR C 98 -5.88 -32.74 -3.96
N HIS C 99 -5.58 -31.45 -4.04
CA HIS C 99 -5.46 -30.80 -5.33
C HIS C 99 -4.16 -30.03 -5.43
N SER C 100 -3.64 -29.94 -6.66
CA SER C 100 -2.51 -29.07 -6.94
C SER C 100 -2.84 -27.64 -6.60
N MET C 101 -3.92 -27.15 -7.19
CA MET C 101 -4.22 -25.74 -7.28
C MET C 101 -5.61 -25.50 -6.73
N GLY C 102 -5.88 -24.25 -6.41
CA GLY C 102 -7.20 -23.87 -5.99
C GLY C 102 -7.30 -22.37 -5.93
N ARG C 103 -8.53 -21.89 -6.03
CA ARG C 103 -8.83 -20.49 -5.83
C ARG C 103 -10.12 -20.40 -5.04
N SER C 104 -10.39 -19.20 -4.54
CA SER C 104 -11.59 -18.93 -3.76
C SER C 104 -11.62 -17.46 -3.42
N GLY C 105 -12.83 -16.96 -3.18
CA GLY C 105 -13.05 -15.71 -2.50
C GLY C 105 -13.54 -16.03 -1.10
N PHE C 106 -13.56 -15.00 -0.27
CA PHE C 106 -13.90 -15.22 1.13
C PHE C 106 -14.86 -14.15 1.61
N ILE C 107 -15.76 -14.57 2.49
CA ILE C 107 -16.58 -13.65 3.26
C ILE C 107 -16.09 -13.73 4.68
N ILE C 108 -15.41 -12.69 5.15
CA ILE C 108 -14.86 -12.64 6.49
C ILE C 108 -15.84 -11.86 7.34
N HIS C 109 -16.31 -12.48 8.43
CA HIS C 109 -17.22 -11.84 9.36
C HIS C 109 -16.55 -11.83 10.73
N THR C 110 -16.18 -10.64 11.19
CA THR C 110 -15.52 -10.47 12.48
C THR C 110 -16.55 -9.99 13.50
N GLN C 111 -16.46 -10.53 14.71
CA GLN C 111 -17.51 -10.37 15.71
C GLN C 111 -16.88 -9.99 17.04
N CYS C 112 -17.16 -8.78 17.52
CA CYS C 112 -16.79 -8.37 18.88
C CYS C 112 -17.91 -7.51 19.46
N ASN C 113 -18.52 -7.96 20.54
CA ASN C 113 -19.53 -7.17 21.22
C ASN C 113 -19.14 -6.97 22.68
N ALA C 114 -19.36 -5.77 23.20
CA ALA C 114 -19.06 -5.55 24.61
C ALA C 114 -20.27 -5.03 25.40
N THR C 115 -20.53 -3.73 25.35
CA THR C 115 -21.54 -3.07 26.17
C THR C 115 -21.41 -1.58 25.88
N LYS C 116 -22.46 -0.82 26.22
CA LYS C 116 -22.39 0.61 26.06
C LYS C 116 -21.50 1.28 27.09
N PHE C 117 -20.99 0.54 28.07
CA PHE C 117 -20.01 1.06 29.01
C PHE C 117 -18.57 0.80 28.59
N HIS C 118 -18.36 -0.04 27.59
CA HIS C 118 -17.03 -0.34 27.08
C HIS C 118 -16.65 0.62 25.97
N SER C 119 -15.37 0.93 25.91
CA SER C 119 -14.79 1.71 24.82
C SER C 119 -13.69 0.89 24.15
N GLY C 120 -13.53 1.10 22.85
CA GLY C 120 -12.46 0.45 22.13
C GLY C 120 -12.68 0.51 20.65
N ALA C 121 -11.61 0.23 19.91
CA ALA C 121 -11.68 0.23 18.46
C ALA C 121 -10.75 -0.84 17.92
N LEU C 122 -11.20 -1.52 16.88
CA LEU C 122 -10.43 -2.54 16.19
C LEU C 122 -10.38 -2.24 14.71
N ILE C 123 -9.20 -2.36 14.13
CA ILE C 123 -9.03 -2.34 12.69
C ILE C 123 -9.09 -3.77 12.20
N VAL C 124 -10.04 -4.08 11.34
CA VAL C 124 -10.14 -5.38 10.71
C VAL C 124 -9.84 -5.19 9.25
N ALA C 125 -8.69 -5.66 8.80
CA ALA C 125 -8.26 -5.46 7.43
C ALA C 125 -7.90 -6.78 6.79
N VAL C 126 -8.01 -6.83 5.47
CA VAL C 126 -7.58 -7.97 4.68
C VAL C 126 -6.47 -7.50 3.76
N ILE C 127 -5.29 -8.09 3.89
CA ILE C 127 -4.12 -7.69 3.12
C ILE C 127 -3.84 -8.75 2.07
N PRO C 128 -3.87 -8.43 0.79
CA PRO C 128 -3.36 -9.35 -0.22
C PRO C 128 -1.84 -9.43 -0.16
N GLU C 129 -1.31 -10.63 -0.27
CA GLU C 129 0.12 -10.92 -0.23
C GLU C 129 0.78 -10.19 0.93
N HIS C 130 0.42 -10.56 2.15
CA HIS C 130 1.00 -9.90 3.31
C HIS C 130 2.26 -10.67 3.65
N GLN C 131 3.39 -10.13 3.23
CA GLN C 131 4.68 -10.78 3.38
C GLN C 131 5.31 -10.23 4.64
N LEU C 132 5.49 -11.09 5.63
CA LEU C 132 5.90 -10.60 6.93
C LEU C 132 7.38 -10.23 6.90
N ALA C 133 7.84 -9.67 8.00
CA ALA C 133 9.24 -9.35 8.18
C ALA C 133 9.80 -10.25 9.28
N TYR C 134 11.07 -10.58 9.17
CA TYR C 134 11.70 -11.37 10.22
C TYR C 134 11.83 -10.53 11.48
N VAL C 135 11.73 -11.21 12.63
CA VAL C 135 11.57 -10.52 13.90
C VAL C 135 12.75 -9.61 14.23
N GLY C 136 13.91 -9.87 13.66
CA GLY C 136 14.93 -8.84 13.63
C GLY C 136 16.29 -9.41 13.30
N GLY C 137 17.20 -8.49 12.96
CA GLY C 137 18.56 -8.90 12.68
C GLY C 137 18.85 -9.32 11.25
N VAL C 138 19.64 -10.38 11.12
CA VAL C 138 20.25 -10.80 9.86
C VAL C 138 19.21 -11.28 8.86
N LYS C 139 19.67 -11.77 7.72
CA LYS C 139 18.80 -12.11 6.61
C LYS C 139 18.33 -13.54 6.79
N VAL C 140 17.08 -13.70 7.17
CA VAL C 140 16.49 -15.01 7.43
C VAL C 140 15.07 -14.97 6.90
N ASN C 141 14.72 -15.95 6.07
CA ASN C 141 13.33 -16.13 5.67
C ASN C 141 12.51 -16.54 6.90
N VAL C 142 11.34 -15.94 7.06
CA VAL C 142 10.46 -16.41 8.12
C VAL C 142 10.00 -17.81 7.77
N GLY C 143 9.93 -18.66 8.78
CA GLY C 143 9.73 -20.07 8.53
C GLY C 143 8.32 -20.38 8.06
N TYR C 144 8.21 -21.48 7.30
CA TYR C 144 6.90 -21.97 6.90
C TYR C 144 6.02 -22.24 8.10
N ASP C 145 6.63 -22.75 9.18
CA ASP C 145 5.88 -23.14 10.36
C ASP C 145 5.16 -21.96 10.99
N HIS C 146 5.80 -20.79 10.99
CA HIS C 146 5.23 -19.64 11.68
C HIS C 146 4.19 -18.90 10.85
N THR C 147 4.34 -18.86 9.53
CA THR C 147 3.35 -18.21 8.69
C THR C 147 2.16 -19.09 8.39
N HIS C 148 2.14 -20.32 8.90
CA HIS C 148 1.01 -21.23 8.73
C HIS C 148 0.52 -21.74 10.08
N PRO C 149 0.01 -20.84 10.93
CA PRO C 149 -0.52 -21.29 12.22
C PRO C 149 -1.83 -22.05 12.12
N GLY C 150 -2.54 -21.97 11.00
CA GLY C 150 -3.83 -22.61 10.88
C GLY C 150 -4.94 -21.72 11.38
N GLN C 151 -5.99 -22.31 11.91
CA GLN C 151 -7.11 -21.53 12.41
C GLN C 151 -6.72 -20.66 13.59
N SER C 152 -5.67 -21.06 14.31
CA SER C 152 -5.34 -20.37 15.55
C SER C 152 -4.84 -18.96 15.27
N GLY C 153 -4.32 -18.73 14.07
CA GLY C 153 -3.74 -17.45 13.78
C GLY C 153 -2.53 -17.19 14.65
N HIS C 154 -2.17 -15.92 14.73
CA HIS C 154 -1.00 -15.49 15.46
C HIS C 154 -1.35 -14.29 16.32
N GLN C 155 -1.17 -14.43 17.63
CA GLN C 155 -1.26 -13.30 18.53
C GLN C 155 0.01 -12.47 18.43
N ILE C 156 -0.15 -11.17 18.15
CA ILE C 156 0.95 -10.33 17.67
C ILE C 156 1.98 -10.00 18.73
N ARG C 157 1.79 -10.39 19.98
CA ARG C 157 2.80 -10.10 21.00
C ARG C 157 3.09 -8.61 21.03
N GLY C 158 4.29 -8.20 20.63
CA GLY C 158 4.56 -6.81 20.44
C GLY C 158 6.01 -6.53 20.16
N PRO C 159 6.35 -5.28 19.84
CA PRO C 159 7.75 -4.93 19.63
C PRO C 159 8.55 -5.05 20.92
N SER C 160 9.67 -5.75 20.86
CA SER C 160 10.58 -5.84 21.99
C SER C 160 11.95 -6.18 21.45
N GLN C 161 12.98 -5.76 22.18
CA GLN C 161 14.31 -6.29 21.94
C GLN C 161 14.43 -7.73 22.42
N SER C 162 13.50 -8.18 23.25
CA SER C 162 13.52 -9.48 23.89
C SER C 162 12.72 -10.54 23.15
N ASN C 163 12.10 -10.20 22.02
CA ASN C 163 11.41 -11.21 21.24
C ASN C 163 12.44 -12.21 20.70
N ASP C 164 12.13 -13.49 20.82
CA ASP C 164 13.06 -14.52 20.40
C ASP C 164 13.26 -14.45 18.89
N ARG C 165 14.52 -14.33 18.48
CA ARG C 165 14.88 -14.23 17.08
C ARG C 165 15.17 -15.59 16.45
N SER C 166 15.01 -16.67 17.22
CA SER C 166 15.28 -18.01 16.76
C SER C 166 14.28 -18.45 15.69
N GLY C 167 14.65 -19.47 14.94
CA GLY C 167 13.71 -20.24 14.15
C GLY C 167 12.99 -19.49 13.06
N GLY C 168 13.49 -18.34 12.64
CA GLY C 168 12.84 -17.58 11.58
C GLY C 168 11.47 -17.08 11.96
N LYS C 169 11.37 -16.38 13.08
CA LYS C 169 10.07 -15.96 13.56
C LYS C 169 9.63 -14.64 12.91
N PRO C 170 8.33 -14.44 12.74
CA PRO C 170 7.85 -13.21 12.13
C PRO C 170 7.93 -12.02 13.09
N ASP C 171 7.80 -10.84 12.50
CA ASP C 171 7.85 -9.61 13.28
C ASP C 171 6.59 -9.45 14.11
N GLU C 172 6.76 -8.92 15.32
CA GLU C 172 5.65 -8.78 16.26
C GLU C 172 5.06 -7.37 16.36
N ASP C 173 5.55 -6.40 15.60
CA ASP C 173 5.16 -5.01 15.84
C ASP C 173 3.96 -4.63 14.99
N PRO C 174 2.79 -4.38 15.58
CA PRO C 174 1.61 -4.04 14.77
C PRO C 174 1.65 -2.64 14.16
N LEU C 175 2.41 -1.70 14.72
CA LEU C 175 2.45 -0.35 14.17
C LEU C 175 3.01 -0.36 12.75
N PHE C 176 3.98 -1.21 12.50
CA PHE C 176 4.59 -1.34 11.18
C PHE C 176 3.95 -2.43 10.35
N ASN C 177 2.82 -2.97 10.79
CA ASN C 177 2.05 -3.98 10.07
C ASN C 177 2.84 -5.27 9.92
N CYS C 178 3.86 -5.44 10.75
CA CYS C 178 4.74 -6.60 10.75
C CYS C 178 5.56 -6.70 9.47
N ASN C 179 5.22 -5.91 8.45
CA ASN C 179 5.94 -5.85 7.19
C ASN C 179 6.83 -4.62 7.02
N GLY C 180 6.81 -3.67 7.95
CA GLY C 180 7.60 -2.47 7.80
C GLY C 180 6.91 -1.29 7.16
N THR C 181 5.58 -1.26 7.14
CA THR C 181 4.82 -0.13 6.64
C THR C 181 3.83 0.30 7.71
N LEU C 182 3.59 1.60 7.83
CA LEU C 182 2.82 2.11 8.95
C LEU C 182 1.39 1.59 8.98
N LEU C 183 0.97 1.12 10.15
CA LEU C 183 -0.45 1.06 10.46
C LEU C 183 -1.02 2.47 10.37
N GLY C 184 -2.28 2.57 10.02
CA GLY C 184 -2.87 3.83 9.70
C GLY C 184 -2.89 4.14 8.23
N ASN C 185 -1.98 3.54 7.48
CA ASN C 185 -2.10 3.42 6.03
C ASN C 185 -2.74 2.11 5.63
N ILE C 186 -3.04 1.24 6.59
CA ILE C 186 -3.65 -0.06 6.32
C ILE C 186 -5.04 0.08 5.73
N THR C 187 -5.58 1.30 5.73
CA THR C 187 -6.89 1.57 5.16
C THR C 187 -6.89 1.51 3.64
N ILE C 188 -5.73 1.38 3.01
CA ILE C 188 -5.67 1.19 1.57
C ILE C 188 -6.15 -0.20 1.17
N PHE C 189 -6.13 -1.15 2.10
CA PHE C 189 -6.67 -2.48 1.93
C PHE C 189 -8.13 -2.53 2.34
N PRO C 190 -8.87 -3.54 1.90
CA PRO C 190 -10.24 -3.70 2.38
C PRO C 190 -10.27 -3.83 3.90
N HIS C 191 -11.08 -3.00 4.54
CA HIS C 191 -11.03 -2.92 5.99
C HIS C 191 -12.35 -2.39 6.49
N GLN C 192 -12.61 -2.65 7.77
CA GLN C 192 -13.58 -1.91 8.54
C GLN C 192 -13.06 -1.75 9.96
N ILE C 193 -13.59 -0.77 10.66
CA ILE C 193 -13.28 -0.55 12.06
C ILE C 193 -14.48 -1.04 12.87
N ILE C 194 -14.21 -1.76 13.94
CA ILE C 194 -15.23 -2.08 14.93
C ILE C 194 -15.00 -1.12 16.09
N ASN C 195 -15.90 -0.15 16.21
CA ASN C 195 -15.93 0.79 17.31
C ASN C 195 -17.05 0.34 18.23
N LEU C 196 -16.71 0.00 19.46
CA LEU C 196 -17.72 -0.58 20.36
C LEU C 196 -18.89 0.37 20.57
N ARG C 197 -18.64 1.67 20.48
CA ARG C 197 -19.71 2.66 20.52
C ARG C 197 -20.71 2.45 19.39
N THR C 198 -20.24 1.98 18.24
CA THR C 198 -21.02 1.99 17.01
C THR C 198 -21.51 0.58 16.64
N ASN C 199 -20.61 -0.30 16.24
CA ASN C 199 -20.98 -1.61 15.71
C ASN C 199 -20.25 -2.69 16.48
N ASN C 200 -20.87 -3.87 16.52
CA ASN C 200 -20.24 -5.03 17.11
C ASN C 200 -19.65 -6.01 16.10
N SER C 201 -19.69 -5.71 14.80
CA SER C 201 -19.20 -6.68 13.84
C SER C 201 -18.73 -5.98 12.56
N SER C 202 -18.26 -6.79 11.63
CA SER C 202 -17.70 -6.35 10.36
C SER C 202 -17.90 -7.46 9.34
N THR C 203 -18.07 -7.07 8.07
CA THR C 203 -18.15 -8.05 7.00
C THR C 203 -17.38 -7.53 5.80
N ILE C 204 -16.48 -8.35 5.28
CA ILE C 204 -15.69 -8.04 4.09
C ILE C 204 -15.84 -9.20 3.14
N VAL C 205 -16.28 -8.91 1.91
CA VAL C 205 -16.32 -9.90 0.85
C VAL C 205 -15.15 -9.60 -0.08
N VAL C 206 -14.16 -10.48 -0.07
CA VAL C 206 -12.98 -10.35 -0.91
C VAL C 206 -13.09 -11.35 -2.06
N PRO C 207 -12.86 -10.93 -3.30
CA PRO C 207 -12.74 -11.90 -4.39
C PRO C 207 -11.44 -12.67 -4.31
N TYR C 208 -11.15 -13.47 -5.32
CA TYR C 208 -9.85 -14.12 -5.41
C TYR C 208 -8.86 -13.14 -6.02
N ILE C 209 -7.80 -12.84 -5.30
CA ILE C 209 -6.81 -11.86 -5.73
C ILE C 209 -5.50 -12.59 -5.95
N ASN C 210 -4.96 -12.52 -7.16
CA ASN C 210 -3.69 -13.10 -7.50
C ASN C 210 -3.42 -12.76 -8.95
N CYS C 211 -2.14 -12.79 -9.34
CA CYS C 211 -1.76 -12.62 -10.73
C CYS C 211 -1.73 -13.93 -11.48
N VAL C 212 -2.21 -14.99 -10.83
CA VAL C 212 -2.19 -16.36 -11.29
C VAL C 212 -3.62 -16.89 -11.19
N PRO C 213 -4.09 -17.71 -12.14
CA PRO C 213 -5.49 -18.17 -12.07
C PRO C 213 -5.79 -19.04 -10.86
N MET C 214 -4.89 -19.95 -10.51
CA MET C 214 -4.96 -20.78 -9.32
C MET C 214 -3.55 -21.08 -8.90
N ASP C 215 -3.32 -21.26 -7.61
CA ASP C 215 -2.04 -21.80 -7.19
C ASP C 215 -2.24 -22.73 -6.00
N ASN C 216 -1.13 -23.19 -5.45
CA ASN C 216 -1.18 -24.18 -4.38
C ASN C 216 -1.73 -23.54 -3.12
N MET C 217 -2.78 -24.16 -2.57
CA MET C 217 -3.44 -23.61 -1.40
C MET C 217 -2.52 -23.67 -0.18
N LEU C 218 -1.63 -24.65 -0.12
CA LEU C 218 -0.82 -24.86 1.06
C LEU C 218 0.43 -23.98 1.06
N LYS C 219 1.10 -23.83 -0.06
CA LYS C 219 2.38 -23.13 -0.08
C LYS C 219 2.20 -21.61 -0.07
N HIS C 220 1.16 -21.11 -0.72
CA HIS C 220 0.95 -19.68 -0.88
C HIS C 220 -0.27 -19.26 -0.08
N ASN C 221 -0.12 -18.20 0.71
CA ASN C 221 -1.24 -17.58 1.41
C ASN C 221 -1.65 -16.34 0.66
N ASN C 222 -2.79 -16.41 -0.02
CA ASN C 222 -3.29 -15.28 -0.78
C ASN C 222 -3.53 -14.08 0.12
N LEU C 223 -4.46 -14.21 1.05
CA LEU C 223 -4.87 -13.11 1.89
C LEU C 223 -4.31 -13.27 3.29
N SER C 224 -4.53 -12.23 4.08
CA SER C 224 -4.24 -12.23 5.50
C SER C 224 -5.30 -11.39 6.17
N LEU C 225 -5.90 -11.91 7.24
CA LEU C 225 -6.86 -11.17 8.03
C LEU C 225 -6.14 -10.65 9.27
N VAL C 226 -6.16 -9.35 9.47
CA VAL C 226 -5.41 -8.69 10.54
C VAL C 226 -6.37 -7.86 11.37
N ILE C 227 -6.43 -8.13 12.67
CA ILE C 227 -7.28 -7.40 13.59
C ILE C 227 -6.38 -6.69 14.59
N ILE C 228 -6.29 -5.38 14.49
CA ILE C 228 -5.42 -4.56 15.34
C ILE C 228 -6.29 -3.75 16.29
N PRO C 229 -6.04 -3.77 17.60
CA PRO C 229 -6.74 -2.89 18.53
C PRO C 229 -6.30 -1.43 18.42
N LEU C 230 -6.95 -0.70 17.52
CA LEU C 230 -6.57 0.68 17.23
C LEU C 230 -6.64 1.56 18.49
N VAL C 231 -7.70 1.43 19.27
CA VAL C 231 -7.80 2.08 20.58
C VAL C 231 -8.03 0.98 21.60
N PRO C 232 -7.41 1.00 22.77
CA PRO C 232 -7.50 -0.13 23.69
C PRO C 232 -8.91 -0.32 24.23
N LEU C 233 -9.07 -1.40 24.98
CA LEU C 233 -10.37 -1.76 25.51
C LEU C 233 -10.53 -1.23 26.92
N ARG C 234 -11.41 -0.26 27.09
CA ARG C 234 -11.70 0.32 28.38
C ARG C 234 -12.96 -0.31 28.92
N PRO C 235 -12.96 -0.78 30.17
CA PRO C 235 -14.16 -1.40 30.73
C PRO C 235 -15.27 -0.42 31.02
N GLY C 236 -14.95 0.86 31.22
CA GLY C 236 -15.93 1.75 31.81
C GLY C 236 -16.10 1.38 33.26
N SER C 237 -17.34 1.44 33.75
CA SER C 237 -17.62 0.86 35.07
C SER C 237 -18.32 -0.46 34.79
N SER C 238 -17.51 -1.51 34.77
CA SER C 238 -17.92 -2.91 34.73
C SER C 238 -16.68 -3.70 35.10
N GLY C 239 -16.88 -4.94 35.50
CA GLY C 239 -15.72 -5.73 35.84
C GLY C 239 -15.23 -6.56 34.67
N ILE C 240 -15.64 -6.19 33.46
CA ILE C 240 -15.32 -6.97 32.28
C ILE C 240 -14.15 -6.28 31.60
N ASN C 241 -12.97 -6.86 31.75
CA ASN C 241 -11.74 -6.30 31.22
C ASN C 241 -11.32 -6.95 29.92
N SER C 242 -12.06 -7.96 29.47
CA SER C 242 -11.72 -8.68 28.25
C SER C 242 -13.00 -9.01 27.51
N VAL C 243 -12.89 -9.06 26.19
CA VAL C 243 -14.03 -9.38 25.33
C VAL C 243 -13.53 -10.34 24.25
N PRO C 244 -14.31 -11.36 23.88
CA PRO C 244 -13.88 -12.24 22.79
C PRO C 244 -13.99 -11.57 21.44
N ILE C 245 -13.19 -12.05 20.50
CA ILE C 245 -13.27 -11.64 19.10
C ILE C 245 -13.34 -12.92 18.29
N THR C 246 -14.47 -13.15 17.64
CA THR C 246 -14.66 -14.35 16.85
C THR C 246 -14.61 -14.02 15.37
N VAL C 247 -13.92 -14.85 14.61
CA VAL C 247 -13.79 -14.70 13.17
C VAL C 247 -14.48 -15.87 12.50
N THR C 248 -15.24 -15.58 11.45
CA THR C 248 -16.02 -16.58 10.72
C THR C 248 -15.78 -16.35 9.24
N ILE C 249 -15.29 -17.37 8.55
CA ILE C 249 -14.90 -17.25 7.15
C ILE C 249 -15.77 -18.17 6.32
N ALA C 250 -16.33 -17.64 5.23
CA ALA C 250 -16.98 -18.47 4.23
C ALA C 250 -16.16 -18.44 2.96
N PRO C 251 -15.62 -19.57 2.50
CA PRO C 251 -15.16 -19.63 1.11
C PRO C 251 -16.33 -19.39 0.18
N TYR C 252 -16.06 -18.73 -0.93
CA TYR C 252 -17.13 -18.45 -1.88
C TYR C 252 -16.58 -18.58 -3.29
N LYS C 253 -17.28 -19.35 -4.12
CA LYS C 253 -16.85 -19.61 -5.49
C LYS C 253 -15.48 -20.27 -5.51
N SER C 254 -15.26 -21.20 -4.60
CA SER C 254 -13.99 -21.90 -4.50
C SER C 254 -13.87 -22.98 -5.57
N GLU C 255 -12.70 -23.06 -6.18
CA GLU C 255 -12.40 -24.04 -7.20
C GLU C 255 -11.16 -24.82 -6.81
N PHE C 256 -11.06 -26.03 -7.32
CA PHE C 256 -9.89 -26.87 -7.12
C PHE C 256 -9.63 -27.67 -8.38
N SER C 257 -8.36 -27.82 -8.75
CA SER C 257 -8.02 -28.63 -9.90
C SER C 257 -6.68 -29.29 -9.65
N GLY C 258 -6.39 -30.33 -10.43
CA GLY C 258 -5.21 -31.14 -10.23
C GLY C 258 -5.31 -32.12 -9.08
N ALA C 259 -6.37 -32.92 -9.07
CA ALA C 259 -6.56 -33.93 -8.04
C ALA C 259 -5.37 -34.86 -7.95
N MET C 260 -4.90 -35.11 -6.73
CA MET C 260 -3.76 -35.98 -6.48
C MET C 260 -3.93 -36.62 -5.11
N GLU C 261 -2.88 -37.31 -4.66
CA GLU C 261 -2.78 -37.74 -3.27
C GLU C 261 -2.81 -36.53 -2.36
N ALA C 262 -3.34 -36.72 -1.15
CA ALA C 262 -3.34 -35.65 -0.18
C ALA C 262 -1.91 -35.23 0.15
N GLN C 263 -1.69 -33.92 0.14
CA GLN C 263 -0.38 -33.33 0.40
C GLN C 263 -0.07 -33.32 1.89
N ARG C 264 -0.98 -33.88 2.67
CA ARG C 264 -0.87 -34.06 4.10
C ARG C 264 0.20 -35.10 4.39
N GLN C 265 0.39 -35.42 5.66
CA GLN C 265 1.31 -36.48 6.04
C GLN C 265 0.56 -37.77 6.36
N GLY D 1 8.58 1.46 -39.72
CA GLY D 1 7.26 1.99 -39.51
C GLY D 1 6.21 0.94 -39.22
N ALA D 2 5.18 1.30 -38.46
CA ALA D 2 4.15 0.32 -38.10
C ALA D 2 2.75 0.83 -38.41
N GLN D 3 2.33 1.91 -37.76
CA GLN D 3 0.95 2.37 -37.95
C GLN D 3 0.88 3.87 -38.18
N VAL D 4 -0.35 4.40 -38.19
CA VAL D 4 -0.59 5.83 -38.39
C VAL D 4 0.12 6.65 -37.32
N ILE D 24 -3.58 19.71 -37.02
CA ILE D 24 -4.73 19.15 -37.71
C ILE D 24 -4.36 17.73 -38.14
N LYS D 25 -3.37 17.15 -37.47
CA LYS D 25 -2.96 15.76 -37.72
C LYS D 25 -2.44 15.16 -36.42
N TYR D 26 -1.84 13.98 -36.57
CA TYR D 26 -0.92 13.31 -35.64
C TYR D 26 -0.51 12.00 -36.30
N PHE D 27 0.66 11.51 -35.90
CA PHE D 27 1.17 10.24 -36.41
C PHE D 27 1.83 9.46 -35.27
N ASN D 28 1.29 8.29 -34.98
CA ASN D 28 1.87 7.39 -33.98
C ASN D 28 2.60 6.28 -34.74
N ILE D 29 3.92 6.35 -34.73
CA ILE D 29 4.76 5.53 -35.60
C ILE D 29 5.69 4.69 -34.75
N ASN D 30 5.73 3.40 -35.01
CA ASN D 30 6.58 2.46 -34.27
C ASN D 30 7.74 2.09 -35.17
N TYR D 31 8.94 2.46 -34.77
CA TYR D 31 10.11 2.29 -35.61
C TYR D 31 10.62 0.87 -35.62
N TYR D 32 10.49 0.15 -34.52
CA TYR D 32 11.03 -1.19 -34.40
C TYR D 32 9.99 -2.28 -34.62
N LYS D 33 8.74 -1.91 -34.88
CA LYS D 33 7.69 -2.85 -35.25
C LYS D 33 7.36 -3.85 -34.15
N ASP D 34 7.61 -3.48 -32.90
CA ASP D 34 7.19 -4.29 -31.76
C ASP D 34 6.37 -3.43 -30.82
N SER D 35 5.40 -4.07 -30.16
CA SER D 35 4.57 -3.34 -29.22
C SER D 35 5.33 -3.05 -27.93
N ALA D 36 6.31 -3.88 -27.60
CA ALA D 36 7.14 -3.64 -26.43
C ALA D 36 8.14 -2.52 -26.67
N SER D 37 8.59 -2.35 -27.91
CA SER D 37 9.62 -1.36 -28.21
C SER D 37 9.09 0.07 -28.23
N SER D 38 7.78 0.25 -28.12
CA SER D 38 7.18 1.57 -28.10
C SER D 38 7.53 2.32 -26.81
N GLY D 39 7.34 3.63 -26.85
CA GLY D 39 7.50 4.46 -25.68
C GLY D 39 6.32 4.33 -24.73
N LEU D 40 6.20 5.31 -23.83
CA LEU D 40 5.13 5.28 -22.84
C LEU D 40 3.77 5.24 -23.50
N SER D 41 2.84 4.60 -22.82
CA SER D 41 1.46 4.51 -23.29
C SER D 41 0.71 5.70 -22.70
N ARG D 42 0.39 6.67 -23.54
CA ARG D 42 -0.22 7.91 -23.12
C ARG D 42 -1.74 7.92 -23.29
N GLN D 43 -2.32 6.84 -23.83
CA GLN D 43 -3.74 6.77 -24.10
C GLN D 43 -4.43 6.18 -22.89
N ASP D 44 -5.21 7.00 -22.19
CA ASP D 44 -5.71 6.68 -20.85
C ASP D 44 -7.22 6.80 -20.84
N PHE D 45 -7.90 5.73 -20.44
CA PHE D 45 -9.34 5.75 -20.28
C PHE D 45 -9.72 5.21 -18.90
N SER D 46 -9.38 3.95 -18.65
CA SER D 46 -9.80 3.25 -17.45
C SER D 46 -9.40 4.02 -16.19
N GLN D 47 -10.34 4.11 -15.26
CA GLN D 47 -10.16 4.80 -13.98
C GLN D 47 -11.47 4.73 -13.21
N ASP D 48 -11.36 4.86 -11.89
CA ASP D 48 -12.41 5.26 -10.95
C ASP D 48 -11.81 5.10 -9.56
N PRO D 49 -11.98 6.07 -8.66
CA PRO D 49 -11.51 5.85 -7.28
C PRO D 49 -12.33 4.84 -6.51
N SER D 50 -13.54 4.51 -6.98
CA SER D 50 -14.53 3.84 -6.15
C SER D 50 -14.15 2.41 -5.76
N LYS D 51 -13.25 1.77 -6.49
CA LYS D 51 -12.69 0.50 -6.04
C LYS D 51 -12.11 0.63 -4.64
N PHE D 52 -11.75 1.86 -4.29
CA PHE D 52 -11.28 2.32 -3.01
C PHE D 52 -12.23 3.43 -2.60
N THR D 53 -12.16 3.86 -1.36
CA THR D 53 -12.89 5.04 -0.91
C THR D 53 -14.39 4.78 -0.85
N GLN D 54 -14.90 3.86 -1.67
CA GLN D 54 -16.28 3.38 -1.58
C GLN D 54 -16.34 1.91 -1.96
N PRO D 55 -15.66 1.02 -1.24
CA PRO D 55 -15.70 -0.39 -1.65
C PRO D 55 -16.80 -1.17 -0.94
N LEU D 56 -18.06 -0.85 -1.23
CA LEU D 56 -19.19 -1.33 -0.47
C LEU D 56 -20.12 -2.14 -1.36
N VAL D 57 -20.93 -2.99 -0.72
CA VAL D 57 -21.99 -3.73 -1.40
C VAL D 57 -23.12 -2.76 -1.71
N ASP D 58 -23.76 -2.25 -0.67
CA ASP D 58 -24.67 -1.12 -0.83
C ASP D 58 -24.26 0.01 0.10
#